data_3J4B
#
_entry.id   3J4B
#
_cell.length_a   1
_cell.length_b   1
_cell.length_c   1
_cell.angle_alpha   90
_cell.angle_beta   90
_cell.angle_gamma   90
#
_symmetry.space_group_name_H-M   'P 1'
#
_entity_poly.entity_id   1
_entity_poly.type   'polypeptide(L)'
_entity_poly.pdbx_seq_one_letter_code
;ELSAVNDILASIGEPPVSTLEGDANADAANARRILNKINRQIQSRGWTFNIEEGITLLPDVYSNLIVYSDDYLSLMSTSG
QSIYVNRGGYVYDRTSQSDRFDSGITVNIIRLRDYDEMPECFRYWIVTKASRQFNNRFFGAPEVEGVLQEEEDEARRLCM
EYEMDYGGYNMLDGDAFTSGLLTR
;
_entity_poly.pdbx_strand_id   A,J,K,L,B,C,D,E,F,G,H,I
#
# COMPACT_ATOMS: atom_id res chain seq x y z
CA GLU A 1 19.49 -30.75 -45.16
CA LEU A 2 21.60 -27.90 -46.36
CA SER A 3 23.98 -26.84 -43.65
CA ALA A 4 25.71 -23.47 -43.61
CA VAL A 5 23.37 -20.55 -44.26
CA ASN A 6 25.74 -19.01 -46.79
CA ASP A 7 23.62 -17.86 -49.70
CA ILE A 8 20.92 -15.27 -50.06
CA LEU A 9 18.57 -18.16 -50.74
CA ALA A 10 19.64 -19.83 -47.49
CA SER A 11 19.17 -16.59 -45.66
CA ILE A 12 15.71 -16.15 -47.05
CA GLY A 13 14.80 -19.70 -46.17
CA GLU A 14 15.86 -19.23 -42.57
CA PRO A 15 13.78 -16.14 -41.98
CA PRO A 16 10.71 -17.67 -43.34
CA VAL A 17 11.41 -20.65 -41.16
CA SER A 18 11.81 -18.29 -38.22
CA THR A 19 8.63 -16.58 -38.98
CA LEU A 20 6.27 -19.54 -39.15
CA GLU A 21 3.96 -20.50 -41.19
CA GLY A 22 6.48 -20.03 -44.08
CA ASP A 23 8.05 -22.62 -46.39
CA ALA A 24 6.77 -21.02 -49.57
CA ASN A 25 9.39 -20.72 -52.22
CA ALA A 26 8.87 -19.33 -55.69
CA ASP A 27 9.84 -15.97 -57.12
CA ALA A 28 8.69 -15.05 -53.69
CA ALA A 29 12.28 -16.01 -53.17
CA ASN A 30 13.22 -13.24 -55.59
CA ALA A 31 11.00 -10.77 -53.81
CA ARG A 32 12.49 -11.74 -50.52
CA ARG A 33 15.99 -11.61 -51.70
CA ILE A 34 15.46 -8.24 -53.31
CA LEU A 35 14.16 -6.91 -50.02
CA ASN A 36 17.06 -8.42 -48.14
CA LYS A 37 19.42 -6.69 -50.55
CA ILE A 38 17.69 -3.38 -50.07
CA ASN A 39 17.77 -3.74 -46.31
CA ARG A 40 21.46 -4.57 -46.35
CA GLN A 41 22.14 -1.63 -48.59
CA ILE A 42 20.29 0.70 -46.31
CA GLN A 43 22.19 -0.71 -43.40
CA SER A 44 25.77 0.48 -43.01
CA ARG A 45 29.08 -1.39 -43.16
CA GLY A 46 27.82 -4.93 -43.17
CA TRP A 47 30.18 -7.10 -45.25
CA THR A 48 27.32 -8.10 -47.55
CA PHE A 49 28.00 -9.16 -51.12
CA ASN A 50 25.76 -7.22 -53.61
CA ILE A 51 24.63 -8.11 -57.07
CA GLU A 52 27.31 -7.11 -59.59
CA GLU A 53 24.94 -4.75 -61.20
CA GLY A 54 26.20 -6.71 -64.13
CA ILE A 55 22.91 -8.46 -64.66
CA THR A 56 22.99 -10.61 -61.59
CA LEU A 57 19.50 -9.39 -60.86
CA LEU A 58 17.73 -7.14 -58.47
CA PRO A 59 15.17 -9.83 -58.02
CA ASP A 60 18.03 -11.36 -56.19
CA VAL A 61 20.58 -13.96 -56.70
CA TYR A 62 19.97 -17.62 -56.48
CA SER A 63 23.22 -18.85 -57.91
CA ASN A 64 22.68 -22.46 -57.08
CA LEU A 65 20.48 -23.40 -54.19
CA ILE A 66 23.83 -22.65 -52.63
CA VAL A 67 27.32 -24.06 -52.91
CA TYR A 68 28.53 -21.64 -50.29
CA SER A 69 31.71 -22.04 -52.21
CA ASP A 70 34.89 -20.10 -52.54
CA ASP A 71 33.62 -18.47 -55.74
CA TYR A 72 30.80 -16.74 -54.06
CA LEU A 73 31.87 -13.56 -55.79
CA SER A 74 34.91 -11.49 -56.38
CA LEU A 75 34.28 -8.70 -58.82
CA MET A 76 33.12 -5.75 -56.84
CA SER A 77 33.00 -2.03 -57.11
CA THR A 78 36.47 -1.85 -55.82
CA SER A 79 38.71 -4.79 -55.55
CA GLY A 80 42.36 -5.31 -56.30
CA GLN A 81 42.12 -7.85 -53.57
CA SER A 82 39.25 -10.25 -53.90
CA ILE A 83 39.40 -13.00 -51.47
CA TYR A 84 36.86 -15.60 -51.09
CA VAL A 85 34.78 -17.11 -48.37
CA ASN A 86 36.43 -19.65 -46.07
CA ARG A 87 32.88 -20.70 -45.03
CA GLY A 88 34.24 -20.59 -41.44
CA GLY A 89 34.96 -16.95 -42.09
CA TYR A 90 33.51 -16.25 -45.39
CA VAL A 91 34.36 -13.28 -47.29
CA TYR A 92 37.00 -11.80 -49.55
CA ASP A 93 39.29 -9.57 -47.68
CA ARG A 94 39.47 -6.10 -49.06
CA THR A 95 39.82 -4.54 -45.68
CA SER A 96 43.42 -5.16 -44.80
CA GLN A 97 43.75 -6.99 -41.57
CA SER A 98 40.95 -7.75 -39.14
CA ASP A 99 40.63 -10.96 -41.03
CA ARG A 100 37.42 -12.63 -41.53
CA PHE A 101 34.64 -12.10 -39.11
CA ASP A 102 34.91 -13.98 -35.89
CA SER A 103 34.42 -12.20 -32.57
CA GLY A 104 37.15 -9.58 -32.97
CA ILE A 105 36.68 -8.33 -36.47
CA THR A 106 34.93 -5.13 -37.60
CA VAL A 107 35.43 -5.46 -41.34
CA ASN A 108 33.01 -4.48 -44.11
CA ILE A 109 33.67 -5.55 -47.67
CA ILE A 110 31.31 -6.09 -50.46
CA ARG A 111 32.16 -8.42 -53.31
CA LEU A 112 29.36 -9.28 -55.66
CA ARG A 113 27.98 -12.57 -57.06
CA ASP A 114 25.30 -12.69 -54.64
CA TYR A 115 26.76 -15.30 -52.20
CA ASP A 116 26.26 -12.66 -49.60
CA GLU A 117 29.78 -13.44 -48.16
CA MET A 118 28.91 -12.20 -44.73
CA PRO A 119 30.42 -12.52 -41.37
CA GLU A 120 29.46 -15.62 -39.52
CA CYS A 121 28.52 -13.26 -36.72
CA PHE A 122 26.39 -11.27 -39.22
CA ARG A 123 24.11 -14.06 -40.35
CA TYR A 124 21.52 -14.36 -37.54
CA TRP A 125 20.68 -10.71 -37.27
CA ILE A 126 20.17 -10.18 -40.95
CA VAL A 127 18.09 -13.24 -41.28
CA THR A 128 15.77 -12.37 -38.59
CA LYS A 129 15.47 -8.80 -39.85
CA ALA A 130 14.60 -10.20 -43.21
CA SER A 131 11.99 -12.35 -41.57
CA ARG A 132 10.52 -9.41 -39.66
CA GLN A 133 10.42 -7.34 -42.84
CA PHE A 134 8.63 -10.11 -44.72
CA ASN A 135 6.06 -10.67 -42.06
CA ASN A 136 4.12 -7.86 -43.52
CA ARG A 137 4.39 -9.49 -46.96
CA PHE A 138 3.28 -12.74 -45.35
CA PHE A 139 0.69 -10.65 -43.51
CA GLY A 140 2.06 -12.30 -40.45
CA ALA A 141 3.18 -10.55 -37.33
CA PRO A 142 6.60 -11.57 -36.27
CA GLU A 143 6.94 -13.12 -32.90
CA VAL A 144 8.28 -11.01 -30.10
CA GLU A 145 11.30 -13.25 -29.80
CA GLY A 146 11.93 -12.76 -33.47
CA VAL A 147 11.73 -9.04 -33.22
CA LEU A 148 13.73 -9.18 -29.99
CA GLN A 149 16.32 -11.44 -31.60
CA GLU A 150 17.06 -9.21 -34.54
CA GLU A 151 16.10 -6.05 -36.33
CA GLU A 152 16.20 -3.15 -33.96
CA ASP A 153 16.92 -5.43 -31.11
CA GLU A 154 20.09 -7.34 -30.44
CA ALA A 155 20.55 -7.67 -34.13
CA ARG A 156 21.32 -4.18 -35.01
CA ARG A 157 23.18 -3.76 -31.80
CA LEU A 158 26.25 -5.86 -31.53
CA CYS A 159 25.43 -7.45 -34.80
CA MET A 160 26.53 -10.37 -32.66
CA GLU A 161 29.36 -8.10 -31.57
CA TYR A 162 30.45 -7.90 -35.18
CA GLU A 163 30.20 -4.89 -37.54
CA MET A 164 28.04 -2.42 -35.74
CA ASP A 165 29.23 -1.50 -32.22
CA TYR A 166 32.91 -2.03 -32.77
CA GLY A 167 32.81 0.04 -35.90
CA GLY A 168 31.20 2.83 -33.93
CA TYR A 169 33.84 2.35 -31.25
CA ASN A 170 36.58 2.86 -33.78
CA MET A 171 34.69 5.82 -35.11
CA LEU A 172 34.50 7.06 -31.56
CA ASP A 173 36.55 10.19 -31.55
CA GLY A 174 37.53 11.69 -28.26
CA ASP A 175 35.16 14.27 -26.91
CA ALA A 176 37.31 15.89 -24.31
CA PHE A 177 35.63 17.51 -21.41
CA THR A 178 35.53 21.17 -22.17
CA SER A 179 36.26 23.82 -19.68
CA GLY A 180 33.62 24.41 -17.09
CA LEU A 181 33.39 20.79 -16.03
CA LEU A 182 33.54 20.08 -12.36
CA THR A 183 36.92 18.55 -11.80
CA ARG A 184 35.43 15.90 -9.63
CA GLU B 1 -1.85 -50.26 28.90
CA LEU B 2 1.83 -50.80 28.48
CA SER B 3 3.72 -47.88 29.90
CA ALA B 4 7.32 -47.10 29.01
CA VAL B 5 8.00 -47.16 25.28
CA ASN B 6 11.13 -49.27 25.72
CA ASP B 7 11.05 -51.91 23.02
CA ILE B 8 11.21 -51.77 19.27
CA LEU B 9 7.66 -53.09 19.32
CA ALA B 10 6.60 -50.24 21.61
CA SER B 11 8.34 -47.78 19.37
CA ILE B 12 6.60 -49.10 16.33
CA GLY B 13 3.26 -49.01 18.07
CA GLU B 14 3.70 -45.37 19.01
CA PRO B 15 4.48 -44.18 15.51
CA PRO B 16 1.55 -45.89 14.04
CA VAL B 17 -0.53 -44.37 16.79
CA SER B 18 0.96 -40.99 15.92
CA THR B 19 0.23 -41.44 12.33
CA LEU B 20 -3.46 -42.26 12.47
CA GLU B 21 -5.35 -44.50 11.11
CA GLY B 22 -2.85 -47.18 12.33
CA ASP B 23 -3.31 -49.96 14.90
CA ALA B 24 -2.45 -52.75 12.49
CA ASN B 25 -0.05 -55.23 13.93
CA ALA B 26 1.21 -58.34 12.19
CA ASP B 27 4.54 -59.01 10.54
CA ALA B 28 3.87 -55.49 9.53
CA ALA B 29 5.46 -55.11 12.89
CA ASN B 30 8.51 -56.89 11.49
CA ALA B 31 8.54 -54.67 8.45
CA ARG B 32 8.27 -51.62 10.61
CA ARG B 33 10.89 -52.69 13.00
CA ILE B 34 13.26 -53.57 10.20
CA LEU B 35 12.81 -50.09 8.77
CA ASN B 36 13.32 -48.51 12.17
CA LYS B 37 16.55 -50.47 12.50
CA ILE B 38 17.74 -49.33 9.11
CA ASN B 39 16.90 -45.73 9.88
CA ARG B 40 18.74 -45.88 13.17
CA GLN B 41 21.71 -47.44 11.48
CA ILE B 42 21.79 -44.75 8.87
CA GLN B 43 21.54 -42.17 11.58
CA SER B 44 24.72 -41.48 13.53
CA ARG B 45 25.57 -41.96 17.21
CA GLY B 46 22.16 -42.74 18.57
CA TRP B 47 22.50 -45.18 21.49
CA THR B 48 20.25 -47.69 19.70
CA PHE B 49 20.54 -51.39 20.45
CA ASN B 50 20.89 -53.45 17.19
CA ILE B 51 20.08 -57.05 16.49
CA GLU B 52 23.01 -59.25 17.53
CA GLU B 53 23.43 -60.37 14.02
CA GLY B 54 23.33 -63.63 15.86
CA ILE B 55 19.96 -64.57 14.48
CA THR B 56 17.92 -62.02 16.33
CA LEU B 57 16.38 -61.11 13.01
CA LEU B 58 16.44 -58.33 10.53
CA PRO B 59 12.71 -58.51 10.42
CA ASP B 60 13.18 -56.99 13.79
CA VAL B 61 13.06 -57.99 17.32
CA TYR B 62 9.95 -58.56 19.28
CA SER B 63 11.45 -60.15 22.34
CA ASN B 64 8.32 -60.11 24.38
CA LEU B 65 5.69 -57.52 23.72
CA ILE B 66 8.19 -55.78 25.93
CA VAL B 67 9.53 -56.29 29.42
CA TYR B 68 11.65 -53.20 29.09
CA SER B 69 13.80 -55.10 31.49
CA ASP B 70 17.37 -54.96 32.56
CA ASP B 71 18.26 -57.76 30.14
CA TYR B 72 17.37 -55.82 27.12
CA LEU B 73 20.68 -56.81 25.62
CA SER B 74 24.31 -56.89 26.48
CA LEU B 75 26.34 -58.71 23.88
CA MET B 76 27.38 -56.17 21.34
CA SER B 77 30.06 -55.66 18.79
CA THR B 78 32.28 -54.30 21.44
CA SER B 79 31.57 -54.61 25.06
CA GLY B 80 33.75 -55.39 28.04
CA GLN B 81 31.27 -53.25 29.85
CA SER B 82 27.67 -54.14 29.23
CA ILE B 83 25.36 -52.34 31.44
CA TYR B 84 21.71 -52.56 31.28
CA VAL B 85 18.77 -50.25 31.05
CA ASN B 86 17.63 -48.51 34.23
CA ARG B 87 14.33 -47.78 32.40
CA GLY B 88 14.71 -44.22 33.79
CA GLY B 89 17.96 -44.08 31.88
CA TYR B 90 18.06 -47.19 29.91
CA VAL B 91 21.10 -48.40 28.38
CA TYR B 92 24.32 -50.25 29.11
CA ASP B 93 27.15 -47.91 29.60
CA ARG B 94 30.03 -48.53 27.31
CA THR B 95 30.83 -44.89 26.97
CA SER B 96 32.61 -44.09 30.18
CA GLN B 97 30.95 -41.31 32.03
CA SER B 98 28.12 -39.15 30.74
CA ASP B 99 25.90 -41.68 32.35
CA ARG B 100 22.64 -42.58 30.97
CA PHE B 101 20.77 -40.15 28.85
CA ASP B 102 19.03 -37.40 30.69
CA SER B 103 19.44 -33.78 29.59
CA GLY B 104 23.23 -33.57 29.87
CA ILE B 105 24.43 -36.74 28.26
CA THR B 106 25.79 -37.20 24.72
CA VAL B 107 26.51 -40.92 24.84
CA ASN B 108 26.09 -43.47 22.04
CA ILE B 109 26.35 -47.16 22.78
CA ILE B 110 24.86 -50.04 21.02
CA ARG B 111 24.21 -53.30 22.81
CA LEU B 112 22.12 -55.83 20.98
CA ARG B 113 19.04 -57.91 21.91
CA ASP B 114 16.77 -55.62 20.28
CA TYR B 115 15.42 -53.76 23.39
CA ASP B 116 16.58 -50.68 21.63
CA GLU B 117 18.10 -49.37 24.95
CA MET B 118 17.85 -45.77 23.92
CA PRO B 119 18.05 -42.52 25.69
CA GLU B 120 14.83 -41.39 27.22
CA CYS B 121 15.46 -38.17 25.33
CA PHE B 122 15.92 -40.23 22.13
CA ARG B 123 12.57 -41.96 22.10
CA TYR B 124 10.16 -39.32 20.71
CA TRP B 125 12.21 -38.31 17.73
CA ILE B 126 12.88 -41.81 16.55
CA VAL B 127 9.33 -42.81 16.94
CA THR B 128 7.97 -40.04 14.97
CA LYS B 129 10.59 -40.53 12.27
CA ALA B 130 9.55 -44.12 12.10
CA SER B 131 5.97 -43.01 11.76
CA ARG B 132 6.82 -40.56 8.99
CA GLN B 133 8.80 -43.23 7.16
CA PHE B 134 5.92 -45.68 7.39
CA ASN B 135 3.35 -43.25 6.17
CA ASN B 136 4.36 -44.12 2.71
CA ARG B 137 3.93 -47.82 3.54
CA PHE B 138 0.56 -46.95 5.02
CA PHE B 139 0.05 -44.76 1.96
CA GLY B 140 -0.76 -42.09 4.44
CA ALA B 141 0.73 -38.65 4.54
CA PRO B 142 2.08 -37.76 7.89
CA GLU B 143 0.60 -34.79 9.58
CA VAL B 144 2.55 -31.59 9.56
CA GLU B 145 2.87 -31.71 13.32
CA GLY B 146 4.27 -35.19 13.01
CA VAL B 147 6.81 -34.16 10.47
CA LEU B 148 7.49 -31.00 12.46
CA GLN B 149 7.83 -33.00 15.66
CA GLU B 150 10.44 -35.40 14.40
CA GLU B 151 12.42 -36.49 11.40
CA GLU B 152 14.19 -33.56 9.88
CA ASP B 153 12.52 -31.24 12.27
CA GLU B 154 13.12 -30.94 15.97
CA ALA B 155 13.81 -34.61 16.06
CA ARG B 156 17.01 -34.72 14.25
CA ARG B 157 18.01 -31.46 15.77
CA LEU B 158 18.47 -31.58 19.47
CA CYS B 159 17.32 -35.12 19.48
CA MET B 160 15.56 -33.63 22.48
CA GLU B 161 18.91 -32.04 23.25
CA TYR B 162 20.38 -35.50 23.48
CA GLU B 163 22.81 -37.17 21.04
CA MET B 164 22.87 -34.94 18.04
CA ASP B 165 23.74 -31.29 18.77
CA TYR B 166 25.89 -31.86 21.80
CA GLY B 167 27.86 -34.49 19.99
CA GLY B 168 28.50 -32.01 17.21
CA TYR B 169 29.45 -29.45 19.84
CA ASN B 170 32.06 -31.76 21.24
CA MET B 171 33.19 -32.47 17.72
CA LEU B 172 33.37 -28.74 17.22
CA ASP B 173 37.01 -28.04 16.72
CA GLY B 174 38.19 -24.49 16.89
CA ASP B 175 38.27 -22.67 13.61
CA ALA B 176 40.44 -19.75 14.49
CA PHE B 177 40.02 -16.60 12.54
CA THR B 178 42.74 -16.58 9.99
CA SER B 179 44.74 -13.57 9.12
CA GLY B 180 42.98 -10.96 7.09
CA LEU B 181 40.02 -10.69 9.41
CA LEU B 182 38.97 -7.25 10.45
CA THR B 183 40.01 -6.97 14.04
CA ARG B 184 36.72 -5.43 14.93
CA GLU C 1 12.40 -56.50 4.31
CA LEU C 2 15.87 -55.98 3.01
CA SER C 3 17.68 -53.49 5.16
CA ALA C 4 20.78 -51.64 4.01
CA VAL C 5 20.43 -50.09 0.56
CA ASN C 6 23.82 -51.45 -0.55
CA ASP C 7 23.36 -52.77 -4.05
CA ILE C 8 22.48 -51.17 -7.32
CA LEU C 9 19.28 -53.17 -7.18
CA ALA C 10 18.51 -51.74 -3.73
CA SER C 11 19.26 -48.29 -4.98
CA ILE C 12 16.95 -48.69 -7.91
CA GLY C 13 14.21 -50.05 -5.69
CA GLU C 14 14.42 -47.06 -3.39
CA PRO C 15 14.07 -44.46 -6.11
CA PRO C 16 11.11 -46.09 -7.59
CA VAL C 17 9.66 -46.27 -4.11
CA SER C 18 10.42 -42.57 -3.71
CA THR C 19 8.82 -41.75 -6.94
CA LEU C 20 5.43 -43.38 -6.46
CA GLU C 21 3.55 -45.29 -8.27
CA GLY C 22 6.60 -47.59 -8.81
CA ASP C 23 7.21 -51.16 -7.65
CA ALA C 24 7.74 -52.54 -11.14
CA ASN C 25 10.74 -54.77 -11.40
CA ALA C 26 11.87 -56.59 -14.50
CA ASP C 27 14.70 -55.80 -16.88
CA ALA C 28 13.33 -52.40 -16.13
CA ALA C 29 15.72 -53.01 -13.30
CA ASN C 30 18.47 -53.35 -15.89
CA ALA C 31 17.41 -50.20 -17.63
CA ARG C 32 17.33 -48.37 -14.36
CA ARG C 33 20.61 -49.65 -13.20
CA ILE C 34 22.24 -48.81 -16.51
CA LEU C 35 20.98 -45.25 -16.18
CA ASN C 36 22.17 -45.03 -12.61
CA LYS C 37 25.60 -46.17 -13.77
CA ILE C 38 25.68 -43.58 -16.50
CA ASN C 39 24.62 -40.85 -14.12
CA ARG C 40 27.28 -41.83 -11.62
CA GLN C 41 29.87 -41.90 -14.35
CA ILE C 42 28.90 -38.46 -15.52
CA GLN C 43 29.06 -37.26 -11.97
CA SER C 44 32.53 -36.68 -10.55
CA ARG C 45 34.39 -38.32 -7.68
CA GLY C 46 31.60 -40.32 -6.17
CA TRP C 47 33.01 -43.55 -4.71
CA THR C 48 30.72 -45.62 -6.93
CA PHE C 49 31.65 -49.16 -7.90
CA ASN C 50 31.38 -49.67 -11.73
CA ILE C 51 30.88 -52.80 -13.73
CA GLU C 52 34.24 -54.49 -14.33
CA GLU C 53 33.84 -54.05 -17.99
CA GLY C 54 34.66 -57.70 -17.74
CA ILE C 55 31.19 -58.77 -18.72
CA THR C 56 29.42 -57.67 -15.61
CA LEU C 57 26.93 -55.92 -17.85
CA LEU C 58 25.97 -52.47 -18.86
CA PRO C 59 22.40 -53.43 -18.33
CA ASP C 60 23.56 -53.27 -14.79
CA VAL C 61 24.52 -55.56 -12.07
CA TYR C 62 22.14 -57.52 -9.99
CA SER C 63 24.61 -59.79 -8.27
CA ASN C 64 22.16 -61.25 -5.85
CA LEU C 65 19.14 -59.28 -4.82
CA ILE C 66 21.90 -58.01 -2.59
CA VAL C 67 24.18 -59.50 0.01
CA TYR C 68 25.71 -56.13 0.65
CA SER C 69 28.66 -58.26 1.52
CA ASP C 70 32.33 -57.73 1.86
CA ASP C 71 32.90 -59.12 -1.65
CA TYR C 72 30.98 -56.41 -3.30
CA LEU C 73 33.87 -55.96 -5.69
CA SER C 74 37.57 -55.54 -5.66
CA LEU C 75 39.05 -55.69 -9.13
CA MET C 76 39.04 -52.21 -10.48
CA SER C 77 40.85 -50.16 -13.01
CA THR C 78 43.51 -49.47 -10.52
CA SER C 79 43.84 -51.30 -7.32
CA GLY C 80 46.81 -52.64 -5.43
CA GLN C 81 44.66 -51.99 -2.45
CA SER C 82 41.17 -53.37 -2.70
CA ILE C 83 39.33 -53.14 0.48
CA TYR C 84 35.83 -54.11 0.94
CA VAL C 85 32.66 -52.62 2.28
CA ASN C 86 32.21 -52.56 6.05
CA ARG C 87 28.47 -51.95 5.38
CA GLY C 88 28.75 -49.22 8.06
CA GLY C 89 31.32 -47.61 5.81
CA TYR C 90 31.29 -49.61 2.73
CA VAL C 91 33.94 -49.41 0.27
CA TYR C 92 37.44 -50.61 -0.49
CA ASP C 93 39.97 -48.06 0.41
CA ARG C 94 42.19 -47.07 -2.44
CA THR C 95 42.40 -43.52 -1.32
CA SER C 96 44.86 -43.62 1.52
CA GLN C 97 43.42 -42.24 4.66
CA SER C 98 40.10 -40.45 4.99
CA ASP C 99 38.73 -43.83 5.74
CA ARG C 100 35.35 -44.85 4.77
CA PHE C 101 32.70 -42.29 4.29
CA ASP C 102 31.18 -40.93 7.42
CA SER C 103 30.81 -37.18 7.93
CA GLY C 104 34.47 -36.24 7.54
CA ILE C 105 35.59 -38.18 4.54
CA THR C 106 36.01 -36.93 0.96
CA VAL C 107 37.19 -40.12 -0.68
CA ASN C 108 36.37 -41.42 -4.15
CA ILE C 109 37.29 -44.95 -5.15
CA ILE C 110 35.77 -47.19 -7.65
CA ARG C 111 36.03 -50.93 -7.33
CA LEU C 112 33.87 -52.96 -9.65
CA ARG C 113 31.45 -55.89 -9.13
CA ASP C 114 28.56 -53.73 -9.16
CA TYR C 115 27.86 -53.57 -5.35
CA ASP C 116 28.10 -49.88 -5.80
CA GLU C 117 30.27 -49.63 -2.60
CA MET C 118 29.30 -46.08 -1.91
CA PRO C 119 29.55 -43.81 0.99
CA GLU C 120 26.75 -44.12 3.46
CA CYS C 121 26.43 -40.37 3.05
CA PHE C 122 26.27 -40.87 -0.75
CA ARG C 123 23.29 -43.17 -0.90
CA TYR C 124 20.27 -40.83 -0.52
CA TRP C 125 21.31 -38.32 -3.10
CA ILE C 126 22.08 -40.83 -5.79
CA VAL C 127 18.92 -42.68 -5.18
CA THR C 128 16.73 -39.76 -5.47
CA LYS C 129 18.58 -38.56 -8.57
CA ALA C 130 18.00 -41.95 -10.06
CA SER C 131 14.35 -41.63 -9.21
CA ARG C 132 14.11 -38.18 -10.77
CA GLN C 133 15.85 -39.41 -13.90
CA PHE C 134 13.47 -42.34 -14.20
CA ASN C 135 10.38 -40.29 -13.75
CA ASN C 136 10.52 -39.50 -17.37
CA ARG C 137 10.81 -43.22 -18.14
CA PHE C 138 7.88 -43.79 -15.82
CA PHE C 139 6.29 -40.76 -17.48
CA GLY C 140 5.84 -39.51 -13.99
CA ALA C 141 6.85 -36.15 -12.72
CA PRO C 142 8.92 -36.34 -9.63
CA GLU C 143 7.59 -34.66 -6.58
CA VAL C 144 9.03 -31.35 -5.59
CA GLU C 145 10.36 -32.83 -2.40
CA GLY C 146 12.05 -35.51 -4.43
CA VAL C 147 13.66 -33.02 -6.71
CA LEU C 148 14.45 -30.82 -3.72
CA GLN C 149 15.89 -33.75 -1.82
CA GLU C 150 18.35 -34.82 -4.47
CA GLU C 151 19.57 -34.19 -7.96
CA GLU C 152 20.49 -30.59 -8.38
CA ASP C 153 19.24 -29.82 -4.96
CA GLU C 154 20.76 -30.83 -1.68
CA ALA C 155 21.91 -33.99 -3.30
CA ARG C 156 24.50 -32.66 -5.56
CA ARG C 157 25.45 -30.11 -3.00
CA LEU C 158 26.89 -31.53 0.12
CA CYS C 159 26.24 -34.97 -1.17
CA MET C 160 25.18 -35.19 2.45
CA GLU C 161 28.38 -33.30 3.18
CA TYR C 162 30.29 -36.15 1.62
CA GLU C 163 32.17 -36.15 -1.72
CA MET C 164 31.14 -32.98 -3.42
CA ASP C 165 31.70 -29.80 -1.38
CA TYR C 166 34.63 -30.99 0.64
CA GLY C 167 36.37 -32.20 -2.45
CA GLY C 168 35.92 -28.76 -3.97
CA TYR C 169 37.19 -27.26 -0.73
CA ASN C 170 40.37 -29.28 -0.98
CA MET C 171 40.60 -28.31 -4.61
CA LEU C 172 40.16 -24.74 -3.49
CA ASP C 173 43.41 -23.09 -4.32
CA GLY C 174 44.13 -19.71 -2.88
CA ASP C 175 43.09 -16.80 -5.00
CA ALA C 176 45.02 -14.03 -3.39
CA PHE C 177 43.70 -10.56 -3.68
CA THR C 178 45.61 -8.94 -6.44
CA SER C 179 46.90 -5.46 -6.29
CA GLY C 180 44.34 -2.74 -6.63
CA LEU C 181 42.09 -4.07 -3.90
CA LEU C 182 40.94 -1.63 -1.31
CA THR C 183 42.85 -2.52 1.78
CA ARG C 184 39.76 -2.25 3.86
CA GLU D 1 20.21 -49.36 -22.79
CA LEU D 2 23.11 -47.60 -24.40
CA SER D 3 25.09 -45.79 -21.77
CA ALA D 4 27.51 -42.99 -22.57
CA VAL D 5 26.06 -40.35 -24.89
CA ASN D 6 29.17 -40.37 -27.09
CA ASP D 7 27.96 -40.32 -30.67
CA ILE D 8 26.04 -37.81 -32.70
CA LEU D 9 23.27 -40.38 -32.83
CA ALA D 10 23.28 -40.61 -29.02
CA SER D 11 23.22 -36.88 -28.78
CA ILE D 12 20.28 -36.64 -31.11
CA GLY D 13 18.43 -39.32 -29.21
CA GLU D 14 18.87 -37.49 -25.93
CA PRO D 15 17.48 -34.20 -27.15
CA PRO D 16 14.45 -35.75 -28.60
CA VAL D 17 14.03 -37.58 -25.32
CA SER D 18 14.39 -34.27 -23.52
CA THR D 19 11.89 -32.65 -25.71
CA LEU D 20 8.99 -35.06 -25.35
CA GLU D 21 6.96 -36.50 -27.42
CA GLY D 22 10.02 -37.65 -29.46
CA ASP D 23 11.37 -41.16 -30.08
CA ALA D 24 11.11 -40.93 -33.85
CA ASN D 25 14.19 -42.14 -35.60
CA ALA D 26 14.68 -42.32 -39.34
CA ASP D 27 16.63 -40.04 -41.64
CA ALA D 28 15.10 -37.61 -39.27
CA ALA D 29 18.21 -38.70 -37.49
CA ASN D 30 20.20 -37.38 -40.44
CA ALA D 31 18.30 -34.12 -40.42
CA ARG D 32 18.88 -33.77 -36.74
CA ARG D 33 22.48 -34.61 -36.89
CA ILE D 34 23.04 -32.22 -39.75
CA LEU D 35 21.47 -29.45 -37.70
CA ASN D 36 23.54 -30.36 -34.68
CA LYS D 37 26.65 -30.15 -36.84
CA ILE D 38 25.66 -26.76 -38.16
CA ASN D 39 24.94 -25.48 -34.68
CA ARG D 40 28.28 -26.72 -33.41
CA GLN D 41 30.02 -25.13 -36.34
CA ILE D 42 28.35 -21.83 -35.71
CA GLN D 43 29.30 -22.09 -32.10
CA SER D 44 32.91 -21.32 -31.25
CA ARG D 45 35.67 -23.47 -29.78
CA GLY D 46 33.67 -26.49 -28.76
CA TRP D 47 35.82 -29.62 -29.13
CA THR D 48 33.30 -31.13 -31.54
CA PHE D 49 34.39 -33.70 -34.09
CA ASN D 50 33.16 -32.74 -37.65
CA ILE D 51 32.55 -34.89 -40.66
CA GLU D 52 35.81 -35.41 -42.55
CA GLU D 53 34.40 -33.69 -45.52
CA GLY D 54 35.70 -36.85 -47.02
CA ILE D 55 32.26 -38.23 -47.69
CA THR D 56 31.27 -38.85 -44.13
CA LEU D 57 28.07 -37.00 -44.88
CA LEU D 58 26.44 -33.74 -44.12
CA PRO D 59 23.30 -35.61 -43.37
CA ASP D 60 25.33 -36.57 -40.40
CA VAL D 61 27.27 -39.44 -39.18
CA TYR D 62 25.81 -42.54 -37.72
CA SER D 63 28.91 -44.67 -37.64
CA ASN D 64 27.41 -47.46 -35.67
CA LEU D 65 24.55 -46.79 -33.34
CA ILE D 66 27.62 -45.88 -31.35
CA VAL D 67 30.69 -47.71 -30.12
CA TYR D 68 31.89 -44.58 -28.42
CA SER D 69 35.21 -46.16 -29.11
CA ASP D 70 38.75 -44.98 -29.28
CA ASP D 71 38.52 -44.72 -33.09
CA TYR D 72 35.91 -42.11 -33.03
CA LEU D 73 37.97 -40.13 -35.49
CA SER D 74 41.46 -38.93 -35.98
CA LEU D 75 41.95 -37.38 -39.40
CA MET D 76 41.14 -33.75 -39.09
CA SER D 77 41.93 -30.53 -40.80
CA THR D 78 45.04 -30.27 -38.80
CA SER D 79 46.45 -33.06 -36.83
CA GLY D 80 49.96 -34.32 -36.30
CA GLN D 81 48.63 -35.38 -32.98
CA SER D 82 45.41 -37.30 -33.12
CA ILE D 83 44.47 -38.74 -29.87
CA TYR D 84 41.37 -40.58 -29.21
CA VAL D 85 38.52 -40.50 -26.79
CA ASN D 86 39.09 -41.99 -23.34
CA ARG D 87 35.26 -42.03 -22.96
CA GLY D 88 35.90 -40.56 -19.48
CA GLY D 89 37.55 -37.68 -21.27
CA TYR D 90 36.94 -38.29 -24.83
CA VAL D 91 38.79 -36.56 -27.43
CA TYR D 92 42.08 -36.54 -29.28
CA ASP D 93 44.42 -34.03 -27.88
CA ARG D 94 45.65 -31.55 -30.38
CA THR D 95 45.69 -28.75 -27.91
CA SER D 96 48.82 -29.37 -25.93
CA GLN D 97 48.10 -29.67 -22.27
CA SER D 98 44.79 -28.96 -20.59
CA ASP D 99 44.12 -32.59 -21.11
CA ARG D 100 40.77 -33.89 -21.77
CA PHE D 101 37.77 -32.03 -20.58
CA ASP D 102 36.99 -32.36 -16.95
CA SER D 103 36.29 -29.28 -14.82
CA GLY D 104 39.57 -27.45 -15.45
CA ILE D 105 40.07 -27.78 -19.15
CA THR D 106 39.36 -25.19 -21.86
CA VAL D 107 40.46 -27.15 -24.90
CA ASN D 108 38.90 -27.15 -28.37
CA ILE D 109 39.97 -29.71 -30.93
CA ILE D 110 38.13 -31.10 -33.81
CA ARG D 111 38.95 -34.52 -35.19
CA LEU D 112 36.53 -35.93 -37.70
CA ARG D 113 34.72 -39.29 -38.03
CA ASP D 114 31.68 -38.02 -36.58
CA TYR D 115 32.01 -39.50 -33.02
CA ASP D 116 31.64 -35.96 -31.87
CA GLU D 117 34.55 -36.49 -29.35
CA MET D 118 33.35 -33.79 -27.05
CA PRO D 119 34.08 -32.83 -23.55
CA GLU D 120 32.10 -34.70 -20.97
CA CYS D 121 31.20 -31.25 -19.67
CA PHE D 122 30.10 -30.27 -23.20
CA ARG D 123 27.51 -32.96 -23.75
CA TYR D 124 24.44 -31.70 -21.84
CA TRP D 125 24.41 -28.22 -23.24
CA ILE D 126 24.74 -29.24 -26.84
CA VAL D 127 22.12 -31.86 -26.49
CA THR D 128 19.59 -29.63 -25.08
CA LYS D 129 20.37 -26.94 -27.65
CA ALA D 130 19.85 -29.52 -30.31
CA SER D 131 16.55 -30.41 -28.73
CA ARG D 132 15.46 -26.78 -28.57
CA GLN D 133 16.44 -26.28 -32.20
CA PHE D 134 14.46 -29.33 -33.27
CA ASN D 135 11.37 -28.37 -31.40
CA ASN D 136 10.44 -26.23 -34.29
CA ARG D 137 10.98 -29.19 -36.63
CA PHE D 138 8.87 -31.26 -34.25
CA PHE D 139 6.52 -28.28 -34.12
CA GLY D 140 6.87 -28.61 -30.42
CA ALA D 141 7.75 -25.86 -28.05
CA PRO D 142 10.58 -26.75 -25.79
CA GLU D 143 9.90 -26.73 -22.13
CA VAL D 144 11.12 -23.82 -20.10
CA GLU D 145 13.44 -26.07 -18.18
CA GLY D 146 14.86 -27.30 -21.45
CA VAL D 147 15.47 -23.84 -22.70
CA LEU D 148 16.73 -22.82 -19.26
CA GLN D 149 18.99 -25.86 -19.12
CA GLU D 150 20.77 -25.23 -22.38
CA GLU D 151 20.92 -23.05 -25.42
CA GLU D 152 21.22 -19.46 -24.43
CA ASP D 153 20.85 -20.37 -20.84
CA GLU D 154 23.30 -22.19 -18.66
CA ALA D 155 24.38 -24.14 -21.67
CA ARG D 156 26.08 -21.48 -23.59
CA ARG D 157 27.34 -19.97 -20.41
CA LEU D 158 29.74 -22.12 -18.55
CA CYS D 159 29.21 -24.84 -21.03
CA MET D 160 29.20 -26.68 -17.73
CA GLU D 161 32.20 -24.54 -16.89
CA TYR D 162 33.98 -26.06 -19.86
CA GLU D 163 34.88 -24.33 -23.17
CA MET D 164 33.03 -21.07 -23.11
CA ASP D 165 33.70 -18.89 -20.04
CA TYR D 166 37.20 -20.07 -19.33
CA GLY D 167 38.18 -19.56 -22.91
CA GLY D 168 36.90 -16.00 -22.69
CA TYR D 169 38.80 -15.63 -19.42
CA ASN D 170 42.02 -16.61 -21.12
CA MET D 171 41.14 -14.29 -23.95
CA LEU D 172 40.56 -11.63 -21.34
CA ASP D 173 43.24 -9.10 -21.99
CA GLY D 174 43.89 -6.46 -19.41
CA ASP D 175 41.95 -3.28 -19.83
CA ALA D 176 43.87 -0.99 -17.58
CA PHE D 177 42.09 1.93 -16.10
CA THR D 178 42.97 4.88 -18.21
CA SER D 179 43.80 8.23 -16.83
CA GLY D 180 40.91 10.20 -15.48
CA LEU D 181 39.67 7.45 -13.22
CA LEU D 182 38.95 8.37 -9.66
CA THR D 183 41.72 6.82 -7.67
CA ARG D 184 39.29 5.56 -5.14
CA GLU E 1 10.43 -5.65 -56.78
CA LEU E 2 11.76 -2.16 -57.02
CA SER E 3 14.62 -1.72 -54.63
CA ALA E 4 15.86 1.67 -53.48
CA VAL E 5 13.07 3.99 -52.35
CA ASN E 6 14.46 6.90 -54.37
CA ASP E 7 11.51 8.56 -56.05
CA ILE E 8 8.51 10.40 -54.74
CA LEU E 9 6.45 7.55 -56.14
CA ALA E 10 8.55 5.04 -54.18
CA SER E 11 8.18 7.13 -51.08
CA ILE E 12 4.45 7.27 -51.46
CA GLY E 13 4.27 3.54 -52.04
CA GLU E 14 6.18 2.82 -48.86
CA PRO E 15 3.97 4.89 -46.61
CA PRO E 16 0.86 3.35 -47.89
CA VAL E 17 2.50 -0.01 -47.38
CA SER E 18 3.36 1.06 -43.84
CA THR E 19 -0.09 2.17 -43.18
CA LEU E 20 -2.01 -0.95 -44.14
CA GLU E 21 -4.65 -1.55 -45.92
CA GLY E 22 -3.07 0.54 -48.74
CA ASP E 23 -1.86 -0.52 -52.19
CA ALA E 24 -4.15 1.85 -54.07
CA ASN E 25 -2.39 3.74 -56.80
CA ALA E 26 -3.99 6.19 -59.15
CA ASP E 27 -3.89 9.98 -59.16
CA ALA E 28 -4.17 9.20 -55.52
CA ALA E 29 -0.48 8.97 -56.15
CA ASN E 30 -0.59 12.59 -57.29
CA ALA E 31 -2.55 13.62 -54.24
CA ARG E 32 -0.12 11.82 -52.03
CA ARG E 33 2.90 13.18 -53.68
CA ILE E 34 1.52 16.70 -53.55
CA LEU E 35 0.99 16.32 -49.82
CA ASN E 36 4.46 14.91 -49.36
CA LYS E 37 5.85 17.92 -51.20
CA ILE E 38 3.91 20.30 -49.03
CA ASN E 39 5.04 18.55 -45.88
CA ARG E 40 8.65 18.66 -46.97
CA GLN E 41 8.32 22.31 -47.82
CA ILE E 42 6.87 23.09 -44.44
CA GLN E 43 9.64 21.14 -42.85
CA SER E 44 13.02 22.87 -42.68
CA ARG E 45 16.37 22.01 -44.24
CA GLY E 46 15.62 18.57 -45.53
CA TRP E 47 17.59 17.97 -48.75
CA THR E 48 14.37 17.31 -50.66
CA PHE E 49 14.20 17.88 -54.40
CA ASN E 50 11.15 20.07 -55.34
CA ILE E 51 9.26 20.35 -58.57
CA GLU E 52 11.01 22.83 -60.86
CA GLU E 53 8.02 25.02 -60.83
CA GLY E 54 8.68 24.69 -64.50
CA ILE E 55 5.62 22.57 -65.09
CA THR E 56 6.79 19.49 -63.31
CA LEU E 57 3.50 19.49 -61.47
CA LEU E 58 2.17 20.18 -58.06
CA PRO E 59 0.18 17.03 -58.33
CA ASP E 60 3.61 15.60 -57.93
CA VAL E 61 6.23 14.05 -59.98
CA TYR E 62 6.17 10.55 -61.23
CA SER E 63 9.06 10.75 -63.65
CA ASN E 64 9.22 7.08 -64.36
CA LEU E 65 8.02 4.63 -61.79
CA ILE E 66 11.54 5.45 -60.73
CA VAL E 67 14.98 5.10 -62.25
CA TYR E 68 16.53 6.52 -59.13
CA SER E 69 19.10 7.64 -61.60
CA ASP E 70 21.80 10.22 -61.66
CA ASP E 71 19.52 12.63 -63.56
CA TYR E 72 17.06 12.87 -60.79
CA LEU E 73 17.20 16.63 -61.15
CA SER E 74 19.69 19.39 -61.36
CA LEU E 75 18.07 22.70 -62.19
CA MET E 76 17.12 24.31 -58.96
CA SER E 77 16.46 27.71 -57.58
CA THR E 78 20.10 28.17 -57.04
CA SER E 79 22.68 25.94 -58.48
CA GLY E 80 26.04 26.59 -60.06
CA GLN E 81 26.86 23.22 -58.68
CA SER E 82 24.33 20.55 -59.47
CA ILE E 83 25.48 17.19 -58.53
CA TYR E 84 23.49 14.13 -58.83
CA VAL E 85 22.42 11.26 -56.67
CA ASN E 86 24.94 8.48 -56.05
CA ARG E 87 21.98 6.32 -54.91
CA GLY E 88 24.21 5.36 -51.95
CA GLY E 89 24.27 9.03 -51.10
CA TYR E 90 21.90 10.60 -53.44
CA VAL E 91 21.83 14.18 -54.00
CA TYR E 92 23.56 16.97 -55.86
CA ASP E 93 25.96 18.76 -53.68
CA ARG E 94 25.32 22.45 -53.45
CA THR E 95 26.36 22.62 -49.87
CA SER E 96 30.11 22.54 -50.03
CA GLN E 97 31.53 19.74 -48.04
CA SER E 98 29.60 17.47 -45.69
CA ASP E 99 29.19 15.27 -48.67
CA ARG E 100 26.21 13.23 -49.22
CA PHE E 101 24.14 12.15 -46.33
CA ASP E 102 25.50 9.29 -44.34
CA SER E 103 25.70 9.47 -40.55
CA GLY E 104 27.86 12.59 -40.30
CA ILE E 105 26.31 14.96 -42.76
CA THR E 106 23.94 17.86 -42.06
CA VAL E 107 23.44 19.12 -45.60
CA ASN E 108 20.27 20.51 -47.16
CA ILE E 109 20.08 21.08 -50.89
CA ILE E 110 17.15 21.13 -53.14
CA ARG E 111 17.50 20.33 -56.81
CA LEU E 112 14.30 19.84 -58.72
CA ARG E 113 13.03 17.12 -61.10
CA ASP E 114 11.12 15.48 -58.51
CA TYR E 115 13.51 12.52 -57.75
CA ASP E 116 13.40 13.78 -54.24
CA GLU E 117 17.24 13.32 -53.96
CA MET E 118 17.17 12.91 -50.23
CA PRO E 119 19.56 11.68 -47.70
CA GLU E 120 19.54 7.96 -47.22
CA CYS E 121 19.08 8.79 -43.55
CA PHE E 122 16.12 11.04 -44.49
CA ARG E 123 14.00 8.48 -46.25
CA TYR E 124 12.32 6.53 -43.40
CA TRP E 125 11.13 9.50 -41.45
CA ILE E 126 9.58 11.28 -44.37
CA VAL E 127 7.90 8.19 -45.58
CA THR E 128 6.29 7.40 -42.39
CA LYS E 129 5.22 11.02 -41.92
CA ALA E 130 3.66 10.85 -45.31
CA SER E 131 1.88 7.70 -44.28
CA ARG E 132 0.61 9.27 -41.07
CA GLN E 133 -0.60 12.32 -42.96
CA PHE E 134 -2.46 10.16 -45.46
CA ASN E 135 -4.12 8.05 -42.87
CA ASN E 136 -6.73 10.67 -42.58
CA ARG E 137 -7.18 10.61 -46.37
CA PHE E 138 -7.40 6.83 -46.13
CA PHE E 139 -9.64 7.40 -43.12
CA GLY E 140 -7.31 5.06 -41.38
CA ALA E 141 -5.62 5.68 -38.10
CA PRO E 142 -1.94 5.13 -38.25
CA GLU E 143 -0.52 2.53 -36.00
CA VAL E 144 1.24 3.63 -32.87
CA GLU E 145 4.49 2.21 -34.15
CA GLY E 146 4.04 4.20 -37.30
CA VAL E 147 3.45 7.38 -35.44
CA LEU E 148 6.24 6.48 -33.04
CA GLN E 149 8.57 5.67 -35.91
CA GLU E 150 8.20 8.97 -37.70
CA GLU E 151 6.41 12.26 -37.73
CA GLU E 152 6.77 13.96 -34.43
CA ASP E 153 8.51 10.99 -33.03
CA GLU E 154 11.96 9.74 -33.86
CA ALA E 155 11.45 10.97 -37.35
CA ARG E 156 11.51 14.62 -36.77
CA ARG E 157 14.09 14.17 -34.11
CA LEU E 158 17.36 12.89 -35.35
CA CYS E 159 15.90 12.53 -38.76
CA MET E 160 17.90 9.36 -38.34
CA GLU E 161 20.60 11.61 -36.95
CA TYR E 162 20.66 13.42 -40.25
CA GLU E 163 19.40 16.97 -40.99
CA MET E 164 17.50 18.00 -37.93
CA ASP E 165 19.46 17.74 -34.66
CA TYR E 166 22.89 18.31 -36.07
CA GLY E 167 21.71 21.34 -37.93
CA GLY E 168 20.34 22.72 -34.69
CA TYR E 169 23.64 21.85 -33.03
CA ASN E 170 25.52 23.91 -35.57
CA MET E 171 22.97 26.64 -35.12
CA LEU E 172 23.58 26.34 -31.41
CA ASP E 173 25.15 29.60 -30.45
CA GLY E 174 26.77 29.90 -27.09
CA ASP E 175 24.54 31.14 -24.34
CA ALA E 176 27.08 32.08 -21.75
CA PHE E 177 26.05 32.03 -18.18
CA THR E 178 25.28 35.56 -17.27
CA SER E 179 26.31 37.14 -14.06
CA GLY E 180 24.41 36.07 -11.02
CA LEU E 181 24.93 32.37 -11.59
CA LEU E 182 26.15 30.36 -8.69
CA THR E 183 29.71 29.55 -9.48
CA ARG E 184 29.22 26.00 -8.43
CA GLU F 1 -4.54 19.20 -54.54
CA LEU F 2 -3.78 22.73 -53.52
CA SER F 3 -0.46 22.84 -51.75
CA ALA F 4 0.59 25.72 -49.52
CA VAL F 5 -2.06 26.72 -47.00
CA ASN F 6 -1.65 30.42 -47.81
CA ASP F 7 -5.13 31.88 -48.01
CA ILE F 8 -7.87 32.33 -45.50
CA LEU F 9 -9.85 29.85 -47.56
CA ALA F 10 -7.00 27.34 -47.30
CA SER F 11 -6.79 27.92 -43.61
CA ILE F 12 -10.48 27.34 -43.17
CA GLY F 13 -10.33 24.19 -45.24
CA GLU F 14 -7.55 22.76 -43.11
CA PRO F 15 -9.33 23.23 -39.81
CA PRO F 16 -12.45 21.65 -41.01
CA VAL F 17 -10.32 18.82 -42.31
CA SER F 18 -8.67 18.60 -38.90
CA THR F 19 -11.94 18.55 -37.17
CA LEU F 20 -13.64 15.69 -38.99
CA GLU F 21 -16.55 15.25 -40.32
CA GLY F 22 -16.07 18.58 -42.22
CA ASP F 23 -15.71 19.23 -45.95
CA ALA F 24 -18.69 21.55 -46.16
CA ASN F 25 -17.98 24.68 -48.09
CA ALA F 26 -20.46 27.43 -48.82
CA ASP F 27 -20.84 30.83 -47.22
CA ALA F 28 -20.04 28.68 -44.28
CA ALA F 29 -16.66 29.56 -45.64
CA ASN F 30 -17.53 33.21 -45.07
CA ALA F 31 -18.71 32.50 -41.56
CA ARG F 32 -15.57 30.60 -40.84
CA ARG F 33 -13.31 33.13 -42.29
CA ILE F 34 -15.04 35.92 -40.41
CA LEU F 35 -14.49 34.02 -37.18
CA ASN F 36 -10.88 33.37 -38.04
CA LYS F 37 -10.43 37.09 -38.63
CA ILE F 38 -12.01 37.94 -35.32
CA ASN F 39 -9.86 35.42 -33.50
CA ARG F 40 -6.72 36.76 -35.12
CA GLN F 41 -7.73 40.28 -34.23
CA ILE F 42 -8.31 39.34 -30.65
CA GLN F 43 -4.98 37.62 -30.60
CA SER F 44 -1.93 39.87 -30.35
CA ARG F 45 0.96 40.46 -32.74
CA GLY F 46 0.34 37.71 -35.22
CA TRP F 47 1.44 38.86 -38.69
CA THR F 48 -2.07 38.28 -40.05
CA PHE F 49 -3.31 40.19 -43.06
CA ASN F 50 -6.76 41.81 -42.37
CA ILE F 51 -9.46 42.88 -44.75
CA GLU F 52 -8.72 46.37 -46.04
CA GLU F 53 -11.85 47.64 -44.49
CA GLY F 54 -12.16 48.91 -48.00
CA ILE F 55 -14.97 46.55 -48.85
CA THR F 56 -12.98 43.37 -48.84
CA LEU F 57 -15.62 41.92 -46.58
CA LEU F 58 -16.08 40.92 -43.02
CA PRO F 59 -17.64 37.75 -44.23
CA ASP F 60 -14.08 37.09 -45.14
CA VAL F 61 -11.93 37.11 -48.11
CA TYR F 62 -11.87 34.44 -50.71
CA SER F 63 -9.78 36.20 -53.31
CA ASN F 64 -9.36 33.24 -55.54
CA LEU F 65 -9.49 29.77 -54.10
CA ILE F 66 -5.96 30.91 -53.48
CA VAL F 67 -3.04 31.96 -55.63
CA TYR F 68 -0.91 32.39 -52.56
CA SER F 69 0.75 34.92 -54.75
CA ASP F 70 2.98 37.86 -54.22
CA ASP F 71 -0.01 40.23 -54.41
CA TYR F 72 -1.65 38.83 -51.41
CA LEU F 73 -2.09 42.36 -50.14
CA SER F 74 -0.12 45.48 -49.61
CA LEU F 75 -2.32 48.38 -48.61
CA MET F 76 -2.57 48.36 -44.89
CA SER F 77 -3.26 50.72 -42.09
CA THR F 78 0.30 51.75 -42.11
CA SER F 79 2.67 50.90 -44.83
CA GLY F 80 5.37 52.85 -46.58
CA GLN F 81 6.95 49.50 -46.97
CA SER F 82 4.67 46.83 -48.32
CA ILE F 83 6.45 43.73 -49.16
CA TYR F 84 4.86 40.65 -50.35
CA VAL F 85 4.78 37.02 -49.48
CA ASN F 86 7.71 34.86 -50.60
CA ARG F 87 5.45 31.83 -49.95
CA GLY F 88 8.51 30.33 -48.18
CA GLY F 89 8.32 33.30 -45.86
CA TYR F 90 5.24 35.05 -46.81
CA VAL F 91 4.56 38.46 -45.76
CA TYR F 92 5.35 42.06 -46.53
CA ASP F 93 8.00 43.38 -44.30
CA ARG F 94 6.98 46.44 -42.39
CA THR F 95 8.91 45.45 -39.35
CA SER F 96 12.46 46.30 -40.24
CA GLN F 97 14.71 43.33 -39.95
CA SER F 98 13.79 39.97 -38.48
CA ASP F 99 12.88 39.06 -41.98
CA ARG F 100 10.15 36.77 -42.77
CA PHE F 101 9.08 34.21 -40.29
CA ASP F 102 11.27 31.20 -40.03
CA SER F 103 12.46 29.95 -36.63
CA GLY F 104 14.19 33.14 -35.48
CA ILE F 105 11.75 35.85 -36.35
CA THR F 106 9.30 37.63 -34.04
CA VAL F 107 7.72 40.00 -36.52
CA ASN F 108 4.09 41.13 -36.70
CA ILE F 109 2.84 43.04 -39.71
CA ILE F 110 -0.57 43.28 -41.12
CA ARG F 111 -1.12 44.06 -44.77
CA LEU F 112 -4.62 43.63 -46.06
CA ARG F 113 -6.13 41.82 -49.08
CA ASP F 114 -7.04 38.92 -47.14
CA TYR F 115 -4.18 36.54 -48.19
CA ASP F 116 -3.50 36.27 -44.53
CA GLU F 117 0.30 36.63 -45.22
CA MET F 118 1.28 34.82 -42.08
CA PRO F 119 4.40 33.28 -40.83
CA GLU F 120 4.98 29.77 -41.99
CA CYS F 121 5.42 28.99 -38.31
CA PHE F 122 2.06 30.69 -37.61
CA ARG F 123 -0.11 28.60 -39.87
CA TYR F 124 -0.70 25.38 -37.88
CA TRP F 125 -1.70 27.00 -34.65
CA ILE F 126 -4.19 29.37 -36.16
CA VAL F 127 -5.72 26.69 -38.23
CA THR F 128 -6.30 24.39 -35.44
CA LYS F 129 -7.66 27.19 -33.28
CA ALA F 130 -10.04 28.00 -36.04
CA SER F 131 -11.06 24.38 -36.15
CA ARG F 132 -11.60 24.25 -32.40
CA GLN F 133 -13.66 27.43 -32.53
CA PHE F 134 -15.83 26.05 -35.32
CA ASN F 135 -16.46 22.78 -33.62
CA ASN F 136 -19.20 24.43 -31.74
CA ARG F 137 -20.65 25.72 -35.02
CA PHE F 138 -20.30 22.20 -36.39
CA PHE F 139 -21.71 21.03 -33.06
CA GLY F 140 -18.72 18.81 -32.97
CA ALA F 141 -16.31 18.48 -30.14
CA PRO F 142 -12.76 18.89 -31.20
CA GLU F 143 -10.47 16.01 -30.60
CA VAL F 144 -8.09 16.20 -27.70
CA GLU F 145 -5.16 16.16 -30.05
CA GLY F 146 -6.68 19.06 -31.90
CA VAL F 147 -7.15 21.05 -28.78
CA LEU F 148 -3.73 19.95 -27.57
CA GLN F 149 -2.17 20.86 -30.91
CA GLU F 150 -3.42 24.42 -31.00
CA GLU F 151 -5.56 26.96 -29.28
CA GLU F 152 -4.55 27.29 -25.69
CA ASP F 153 -2.13 24.49 -26.07
CA GLU F 154 1.10 24.48 -27.99
CA ALA F 155 -0.48 26.81 -30.46
CA ARG F 156 -0.74 29.86 -28.39
CA ARG F 157 2.50 29.03 -26.72
CA LEU F 158 5.45 29.11 -28.99
CA CYS F 159 3.19 29.77 -31.88
CA MET F 160 5.62 27.22 -33.26
CA GLU F 161 8.29 29.31 -31.56
CA TYR F 162 7.22 32.23 -33.72
CA GLU F 163 5.36 35.40 -32.61
CA MET F 164 4.24 34.70 -29.10
CA ASP F 165 7.02 33.65 -26.70
CA TYR F 166 9.85 35.49 -28.35
CA GLY F 167 7.83 38.64 -28.47
CA GLY F 168 7.21 38.32 -24.75
CA TYR F 169 10.92 37.65 -24.29
CA ASN F 170 11.77 40.90 -26.01
CA MET F 171 9.12 42.59 -23.95
CA LEU F 172 10.73 41.02 -20.92
CA ASP F 173 12.07 43.93 -18.98
CA GLY F 174 14.48 43.28 -16.19
CA ASP F 175 12.93 42.81 -12.80
CA ALA F 176 15.93 43.23 -10.61
CA PHE F 177 15.91 41.57 -7.27
CA THR F 178 14.97 44.21 -4.80
CA SER F 179 16.61 44.63 -1.49
CA GLY F 180 15.75 42.05 1.10
CA LEU F 181 16.56 39.10 -1.09
CA LEU F 182 18.76 36.45 0.38
CA THR F 183 22.06 36.85 -1.36
CA ARG F 184 22.31 33.16 -1.85
CA GLU G 1 -21.41 37.16 -39.06
CA LEU G 2 -20.86 40.08 -36.78
CA SER G 3 -17.24 40.27 -35.81
CA ALA G 4 -16.00 42.21 -32.80
CA VAL G 5 -17.98 41.54 -29.63
CA ASN G 6 -18.28 45.25 -28.85
CA ASP G 7 -21.84 45.84 -27.73
CA ILE G 8 -23.85 44.65 -24.79
CA LEU G 9 -25.97 42.77 -27.31
CA ALA G 10 -22.86 41.08 -28.71
CA SER G 11 -21.75 40.23 -25.22
CA ILE G 12 -25.07 38.70 -24.39
CA GLY G 13 -25.08 36.72 -27.60
CA GLU G 14 -21.68 35.25 -26.86
CA PRO G 15 -22.56 34.00 -23.41
CA PRO G 16 -25.64 32.32 -24.56
CA VAL G 17 -23.60 30.79 -27.32
CA SER G 18 -21.09 29.65 -24.71
CA THR G 19 -23.73 28.19 -22.59
CA LEU G 20 -25.48 25.96 -25.10
CA GLU G 21 -28.56 25.41 -25.91
CA GLY G 22 -29.04 29.22 -26.25
CA ASP G 23 -29.77 31.33 -29.34
CA ALA G 24 -32.97 32.80 -27.96
CA ASN G 25 -33.21 36.51 -28.44
CA ALA G 26 -36.13 38.68 -27.44
CA ASP G 27 -36.50 41.02 -24.49
CA ALA G 28 -34.67 38.14 -22.97
CA ALA G 29 -31.92 40.22 -24.44
CA ASN G 30 -33.06 43.06 -22.20
CA ALA G 31 -33.15 40.81 -19.19
CA ARG G 32 -29.72 39.54 -19.97
CA ARG G 33 -28.28 42.90 -20.59
CA ILE G 34 -29.78 44.27 -17.41
CA LEU G 35 -28.15 41.45 -15.47
CA ASN G 36 -24.85 42.02 -17.20
CA LYS G 37 -25.05 45.68 -16.22
CA ILE G 38 -25.78 44.80 -12.62
CA ASN G 39 -22.92 42.34 -12.51
CA ARG G 40 -20.53 44.88 -13.95
CA GLN G 41 -21.70 47.45 -11.47
CA ILE G 42 -21.17 45.10 -8.60
CA GLN G 43 -17.76 44.30 -9.93
CA SER G 44 -15.07 46.91 -9.33
CA ARG G 45 -13.03 49.02 -11.73
CA GLY G 46 -13.93 47.37 -14.98
CA TRP G 47 -13.96 49.99 -17.76
CA THR G 48 -17.60 49.18 -18.54
CA PHE G 49 -19.83 51.78 -20.15
CA ASN G 50 -23.15 52.18 -18.18
CA ILE G 51 -26.51 53.43 -19.30
CA GLU G 52 -26.59 57.23 -19.09
CA GLU G 53 -29.33 57.05 -16.59
CA GLY G 54 -30.73 59.46 -19.09
CA ILE G 55 -33.33 57.04 -20.31
CA THR G 56 -31.02 54.64 -22.04
CA LEU G 57 -32.76 51.88 -20.16
CA LEU G 58 -32.11 49.51 -17.37
CA PRO G 59 -33.52 46.79 -19.51
CA ASP G 60 -30.28 47.36 -21.26
CA VAL G 61 -29.02 49.00 -24.29
CA TYR G 62 -29.33 47.64 -27.74
CA SER G 63 -28.26 50.69 -29.67
CA ASN G 64 -28.06 48.99 -33.00
CA LEU G 65 -27.37 45.31 -33.18
CA ILE G 66 -23.97 46.89 -32.82
CA VAL G 67 -21.90 49.33 -34.82
CA TYR G 68 -19.09 49.01 -32.34
CA SER G 69 -18.42 52.50 -33.51
CA ASP G 70 -16.52 55.43 -32.19
CA ASP G 71 -19.73 56.94 -30.78
CA TYR G 72 -20.32 54.15 -28.41
CA LEU G 73 -20.85 56.72 -25.70
CA SER G 74 -19.23 59.76 -24.26
CA LEU G 75 -21.42 61.48 -21.73
CA MET G 76 -20.66 59.96 -18.40
CA SER G 77 -20.88 60.83 -14.78
CA THR G 78 -17.60 62.56 -15.03
CA SER G 79 -15.97 63.40 -18.25
CA GLY G 80 -14.12 66.44 -19.47
CA GLN G 81 -12.28 63.95 -21.56
CA SER G 82 -14.48 61.57 -23.47
CA ILE G 83 -12.61 59.52 -25.87
CA TYR G 84 -14.06 56.87 -27.94
CA VAL G 85 -13.43 53.26 -28.72
CA ASN G 86 -10.66 52.43 -31.19
CA ARG G 87 -12.25 48.95 -31.49
CA GLY G 88 -8.66 47.63 -31.15
CA GLY G 89 -8.61 49.35 -27.80
CA TYR G 90 -12.03 50.58 -27.28
CA VAL G 91 -12.83 53.06 -24.77
CA TYR G 92 -12.74 56.77 -24.05
CA ASP G 93 -9.78 57.69 -22.02
CA ARG G 94 -10.63 59.45 -18.84
CA THR G 95 -7.85 57.83 -16.94
CA SER G 96 -4.81 59.75 -18.05
CA GLN G 97 -2.20 57.50 -19.48
CA SER G 98 -2.26 53.71 -19.45
CA ASP G 99 -3.94 54.04 -22.77
CA ARG G 100 -6.48 51.68 -23.92
CA PHE G 101 -6.50 48.18 -22.62
CA ASP G 102 -3.95 45.89 -24.10
CA SER G 103 -1.75 43.74 -21.86
CA GLY G 104 -0.20 46.54 -19.81
CA ILE G 105 -3.10 48.75 -18.95
CA THR G 106 -5.05 48.88 -15.67
CA VAL G 107 -7.53 51.61 -16.55
CA ASN G 108 -11.19 51.86 -15.54
CA ILE G 109 -13.43 54.43 -17.14
CA ILE G 110 -17.09 54.42 -17.63
CA ARG G 111 -18.70 56.40 -20.41
CA LEU G 112 -22.33 55.71 -21.07
CA ARG G 113 -24.35 54.92 -24.23
CA ASP G 114 -24.33 51.37 -23.58
CA TYR G 115 -21.58 50.29 -26.08
CA ASP G 116 -19.91 48.79 -23.09
CA GLU G 117 -16.52 50.26 -24.26
CA MET G 118 -14.51 47.65 -22.46
CA PRO G 119 -11.00 46.50 -22.61
CA GLU G 120 -10.31 43.94 -25.25
CA CYS G 121 -8.80 41.92 -22.42
CA PHE G 122 -12.04 42.41 -20.43
CA ARG G 123 -14.45 40.91 -22.91
CA TYR G 124 -14.07 37.12 -22.42
CA TRP G 125 -14.36 37.10 -18.67
CA ILE G 126 -17.44 39.24 -18.54
CA VAL G 127 -19.12 37.30 -21.22
CA THR G 128 -18.64 34.03 -19.63
CA LYS G 129 -19.71 35.39 -16.25
CA ALA G 130 -22.83 36.64 -17.90
CA SER G 131 -23.37 33.22 -19.36
CA ARG G 132 -22.87 31.53 -15.99
CA GLN G 133 -25.27 33.95 -14.35
CA PHE G 134 -27.91 33.30 -16.99
CA ASN G 135 -27.64 29.57 -16.77
CA ASN G 136 -29.97 29.70 -13.88
CA ARG G 137 -32.39 31.79 -15.96
CA PHE G 138 -31.98 29.26 -18.74
CA PHE G 139 -32.29 26.61 -16.03
CA GLY G 140 -29.11 25.27 -17.48
CA ALA G 141 -26.01 24.42 -15.57
CA PRO G 142 -22.96 26.00 -17.01
CA GLU G 143 -20.25 23.73 -18.15
CA VAL G 144 -17.22 23.32 -15.97
CA GLU G 145 -15.04 24.86 -18.63
CA GLY G 146 -17.36 27.81 -18.72
CA VAL G 147 -17.23 28.29 -15.02
CA LEU G 148 -13.50 27.61 -15.08
CA GLN G 149 -13.02 30.07 -17.93
CA GLU G 150 -14.69 33.00 -16.25
CA GLU G 151 -16.60 34.13 -13.22
CA GLU G 152 -14.71 33.27 -10.11
CA ASP G 153 -12.15 31.46 -12.10
CA GLU G 154 -9.58 32.93 -14.42
CA ALA G 155 -12.05 35.60 -15.29
CA ARG G 156 -12.13 37.47 -12.11
CA ARG G 157 -8.48 36.83 -11.61
CA LEU G 158 -6.28 38.44 -14.15
CA CYS G 159 -9.30 39.64 -15.98
CA MET G 160 -7.02 38.44 -18.75
CA GLU G 161 -4.30 40.27 -16.87
CA TYR G 162 -6.26 43.45 -17.32
CA GLU G 163 -8.14 45.44 -14.63
CA MET G 164 -8.18 43.21 -11.63
CA ASP G 165 -4.75 41.98 -10.48
CA TYR G 166 -2.72 44.91 -11.69
CA GLY G 167 -5.09 47.31 -10.05
CA GLY G 168 -4.64 45.45 -6.79
CA TYR G 169 -0.89 45.52 -7.37
CA ASN G 170 -0.95 49.27 -7.66
CA MET G 171 -3.15 49.39 -4.61
CA LEU G 172 -0.60 47.20 -2.92
CA ASP G 173 0.83 49.35 -0.20
CA GLY G 174 3.96 48.23 1.51
CA ASP G 175 3.45 46.16 4.60
CA ALA G 176 6.85 46.37 6.15
CA PHE G 177 7.93 43.60 8.39
CA THR G 178 7.36 44.79 11.88
CA SER G 179 9.76 44.26 14.67
CA GLY G 180 9.96 40.77 16.01
CA LEU G 181 10.53 39.15 12.66
CA LEU G 182 13.36 36.72 12.39
CA THR G 183 15.99 38.50 10.40
CA ARG G 184 16.58 35.44 8.34
CA GLU H 1 -35.66 43.40 -14.46
CA LEU H 2 -34.89 45.26 -11.31
CA SER H 3 -31.20 45.88 -11.06
CA ALA H 4 -29.46 46.75 -7.80
CA VAL H 5 -30.42 44.47 -4.92
CA ASN H 6 -30.96 47.41 -2.57
CA ASP H 7 -34.14 46.70 -0.66
CA ILE H 8 -35.12 44.05 1.81
CA LEU H 9 -37.58 42.86 -0.81
CA ALA H 10 -34.77 42.59 -3.36
CA SER H 11 -32.66 40.74 -0.87
CA ILE H 12 -35.42 38.29 -0.15
CA GLY H 13 -36.04 37.76 -3.84
CA GLU H 14 -32.40 36.93 -4.46
CA PRO H 15 -32.15 34.28 -1.79
CA PRO H 16 -35.20 32.53 -2.92
CA VAL H 17 -33.79 32.68 -6.42
CA SER H 18 -30.55 31.23 -5.08
CA THR H 19 -32.32 28.51 -3.32
CA LEU H 20 -34.38 27.09 -6.17
CA GLU H 21 -37.46 26.20 -6.53
CA GLY H 22 -38.49 29.63 -5.11
CA ASP H 23 -40.29 32.53 -6.79
CA ALA H 24 -43.17 32.59 -4.33
CA ASN H 25 -44.01 36.04 -3.12
CA ALA H 26 -46.79 36.92 -0.75
CA ASP H 27 -46.66 37.80 2.93
CA ALA H 28 -44.13 35.06 2.69
CA ALA H 29 -42.17 38.11 1.76
CA ASN H 30 -43.02 39.54 5.17
CA ALA H 31 -42.02 36.34 6.89
CA ARG H 32 -38.79 36.29 5.00
CA ARG H 33 -38.00 39.85 5.61
CA ILE H 34 -38.75 39.51 9.30
CA LEU H 35 -36.32 36.61 9.49
CA ASN H 36 -33.70 38.54 7.58
CA LYS H 37 -34.10 41.38 10.06
CA ILE H 38 -33.72 39.05 12.98
CA ASN H 39 -30.65 37.46 11.49
CA ARG H 40 -29.07 40.83 10.84
CA GLN H 41 -29.85 41.91 14.36
CA ILE H 42 -28.28 38.81 15.79
CA GLN H 43 -25.28 39.39 13.62
CA SER H 44 -22.88 42.11 14.76
CA ARG H 45 -21.84 45.38 13.16
CA GLY H 46 -23.37 44.95 9.76
CA TRP H 47 -24.48 48.36 8.43
CA THR H 48 -28.06 47.12 8.09
CA PHE H 49 -30.95 49.55 8.20
CA ASN H 50 -33.64 48.39 10.74
CA ILE H 51 -37.31 49.18 10.92
CA GLU H 52 -37.82 52.47 12.76
CA GLU H 53 -39.74 50.73 15.41
CA GLY H 54 -42.05 53.53 14.51
CA ILE H 55 -44.56 51.24 12.88
CA THR H 56 -42.51 50.29 9.90
CA LEU H 57 -43.31 46.70 10.69
CA LEU H 58 -41.64 43.65 12.02
CA PRO H 59 -43.21 41.71 9.24
CA ASP H 60 -40.66 43.64 7.32
CA VAL H 61 -40.48 46.57 5.10
CA TYR H 62 -41.53 46.61 1.53
CA SER H 63 -41.42 50.33 0.93
CA ASN H 64 -41.90 50.13 -2.77
CA LEU H 65 -40.82 47.07 -4.64
CA ILE H 66 -37.68 49.12 -4.30
CA VAL H 67 -36.54 52.54 -5.41
CA TYR H 68 -33.16 51.94 -3.89
CA SER H 69 -33.28 55.66 -3.54
CA ASP H 70 -31.49 58.21 -1.49
CA ASP H 71 -34.37 58.29 1.01
CA TYR H 72 -33.93 54.75 2.02
CA LEU H 73 -34.04 55.87 5.62
CA SER H 74 -32.49 58.40 7.87
CA LEU H 75 -34.13 58.46 11.28
CA MET H 76 -32.31 55.99 13.42
CA SER H 77 -31.67 55.34 17.03
CA THR H 78 -28.83 57.73 16.93
CA SER H 79 -28.24 60.08 14.13
CA GLY H 80 -27.18 63.69 14.00
CA GLN H 81 -25.67 62.69 10.74
CA SER H 82 -27.98 60.80 8.45
CA ILE H 83 -26.57 60.32 5.09
CA TYR H 84 -28.17 58.42 2.40
CA VAL H 85 -27.32 55.63 0.05
CA ASN H 86 -25.24 56.48 -3.01
CA ARG H 87 -26.39 53.12 -4.47
CA GLY H 88 -22.71 52.62 -5.42
CA GLY H 89 -21.97 52.88 -1.74
CA TYR H 90 -25.26 53.00 -0.10
CA VAL H 91 -25.67 54.07 3.34
CA TYR H 92 -25.86 57.13 5.54
CA ASP H 93 -22.61 57.84 7.17
CA ARG H 94 -22.79 58.00 10.91
CA THR H 95 -19.42 56.46 11.35
CA SER H 96 -17.06 59.28 10.62
CA GLN H 97 -14.67 58.43 7.89
CA SER H 98 -14.23 55.02 6.30
CA ASP H 99 -16.77 56.20 3.84
CA ARG H 100 -19.19 53.95 2.28
CA PHE H 101 -18.43 50.33 1.94
CA ASP H 102 -16.10 49.43 -0.83
CA SER H 103 -13.12 47.14 -0.21
CA GLY H 104 -11.44 49.21 2.51
CA ILE H 105 -14.27 50.19 4.77
CA THR H 106 -15.27 48.60 8.09
CA VAL H 107 -18.22 50.81 8.96
CA ASN H 108 -21.47 49.81 10.66
CA ILE H 109 -24.37 52.22 10.78
CA ILE H 110 -28.00 51.56 11.04
CA ARG H 111 -30.53 54.04 9.73
CA LEU H 112 -34.09 52.85 9.55
CA ARG H 113 -36.76 52.90 6.81
CA ASP H 114 -36.11 49.48 5.86
CA TYR H 115 -34.01 50.10 2.66
CA ASP H 116 -31.44 48.00 4.35
CA GLU H 117 -28.69 50.52 3.29
CA MET H 118 -25.96 47.96 3.37
CA PRO H 119 -22.50 47.79 2.08
CA GLU H 120 -22.22 46.68 -1.49
CA CYS H 121 -19.76 44.12 -0.14
CA PHE H 122 -22.39 43.06 2.44
CA ARG H 123 -25.16 42.12 0.08
CA TYR H 124 -24.18 38.63 -1.18
CA TRP H 125 -23.46 37.11 2.16
CA ILE H 126 -26.64 38.26 3.80
CA VAL H 127 -28.71 37.17 0.91
CA THR H 128 -27.40 33.75 0.81
CA LYS H 129 -27.70 33.43 4.59
CA ALA H 130 -31.28 34.47 4.26
CA SER H 131 -31.74 31.84 1.61
CA ARG H 132 -30.15 29.15 3.76
CA GLN H 133 -32.31 30.14 6.71
CA PHE H 134 -35.46 29.96 4.60
CA ASN H 135 -34.67 26.61 3.15
CA ASN H 136 -36.12 25.08 6.19
CA ARG H 137 -39.26 27.20 5.72
CA PHE H 138 -39.30 26.10 2.10
CA PHE H 139 -38.52 22.61 3.41
CA GLY H 140 -35.71 22.69 0.95
CA ALA H 141 -32.13 21.91 1.69
CA PRO H 142 -29.81 24.58 0.51
CA GLU H 143 -27.23 23.60 -1.99
CA VAL H 144 -23.70 23.08 -0.82
CA GLU H 145 -22.53 25.98 -2.91
CA GLY H 146 -25.15 28.13 -1.29
CA VAL H 147 -24.09 27.15 2.16
CA LEU H 148 -20.46 27.43 1.10
CA GLN H 149 -21.08 30.83 -0.45
CA GLU H 150 -22.60 32.43 2.61
CA GLU H 151 -23.76 31.83 6.13
CA GLU H 152 -21.01 30.30 8.15
CA ASP H 153 -18.86 30.03 5.13
CA GLU H 154 -17.22 32.82 3.22
CA ALA H 155 -20.15 34.98 4.07
CA ARG H 156 -19.62 35.42 7.69
CA ARG H 157 -15.92 35.47 7.16
CA LEU H 158 -14.70 38.39 5.20
CA CYS H 159 -18.23 39.48 4.66
CA MET H 160 -16.64 40.00 1.28
CA GLU H 161 -13.76 41.53 3.19
CA TYR H 162 -16.17 44.10 4.54
CA GLU H 163 -17.50 44.42 8.13
CA MET H 164 -16.45 41.25 9.84
CA ASP H 165 -12.70 40.49 9.67
CA TYR H 166 -11.47 44.03 9.47
CA GLY H 167 -13.60 45.02 12.40
CA GLY H 168 -12.06 42.20 14.38
CA TYR H 169 -8.64 43.34 13.19
CA ASN H 170 -9.26 46.80 14.56
CA MET H 171 -10.56 45.22 17.72
CA LEU H 172 -7.38 43.19 17.79
CA ASP H 173 -5.57 44.40 20.83
CA GLY H 174 -1.98 43.45 21.28
CA ASP H 175 -1.37 40.29 23.21
CA ALA H 176 2.26 40.66 24.02
CA PHE H 177 4.25 37.57 24.61
CA THR H 178 4.49 37.16 28.31
CA SER H 179 7.60 36.15 30.08
CA GLY H 180 8.60 32.55 29.73
CA LEU H 181 8.45 32.53 25.97
CA LEU H 182 11.39 31.10 24.15
CA THR H 183 13.15 34.05 22.66
CA ARG H 184 13.54 32.26 19.41
CA GLU I 1 -43.47 36.26 12.64
CA LEU I 2 -42.14 36.89 16.09
CA SER I 3 -38.61 38.18 15.87
CA ALA I 4 -36.20 38.10 18.78
CA VAL I 5 -36.04 34.73 20.53
CA ASN I 6 -36.32 36.34 23.97
CA ASP I 7 -38.74 34.24 25.96
CA ILE I 8 -38.68 30.70 27.19
CA LEU I 9 -41.58 30.08 24.83
CA ALA I 10 -39.54 31.46 21.93
CA SER I 11 -36.63 29.33 22.93
CA ILE I 12 -38.76 26.24 23.04
CA GLY I 13 -40.26 27.03 19.68
CA GLU I 14 -36.86 27.37 18.08
CA PRO I 15 -35.56 24.02 19.26
CA PRO I 16 -38.55 22.19 18.08
CA VAL I 17 -38.15 24.00 14.79
CA SER I 18 -34.52 22.93 14.73
CA THR I 19 -35.39 19.41 15.45
CA LEU I 20 -37.93 18.76 12.72
CA GLU I 21 -40.87 17.40 12.61
CA GLY I 22 -41.92 19.70 15.54
CA ASP I 23 -44.45 22.53 15.64
CA ALA I 24 -46.54 20.98 18.39
CA ASN I 25 -47.46 23.41 21.09
CA ALA I 26 -49.60 22.65 24.10
CA ASP I 27 -48.59 22.05 27.69
CA ALA I 28 -45.90 20.26 25.83
CA ALA I 29 -44.67 23.80 25.94
CA ASN I 30 -44.75 23.56 29.73
CA ALA I 31 -42.92 20.27 29.68
CA ARG I 32 -40.33 21.69 27.38
CA ARG I 33 -39.87 24.82 29.29
CA ILE I 34 -39.56 22.92 32.55
CA LEU I 35 -36.82 20.81 31.01
CA ASN I 36 -35.07 23.87 29.65
CA LYS I 37 -35.15 25.36 33.13
CA ILE I 38 -33.71 22.23 34.65
CA ASN I 39 -30.97 22.08 32.05
CA ARG I 40 -30.07 25.71 32.62
CA GLN I 41 -30.01 25.14 36.35
CA ILE I 42 -27.73 22.18 35.98
CA GLN I 43 -25.52 24.22 33.75
CA SER I 44 -23.27 26.75 35.46
CA ARG I 45 -23.13 30.54 35.25
CA GLY I 46 -25.44 31.12 32.35
CA TRP I 47 -27.29 34.42 32.85
CA THR I 48 -30.64 32.63 32.70
CA PHE I 49 -33.68 34.09 34.40
CA ASN I 50 -35.43 31.47 36.66
CA ILE I 51 -38.98 31.27 37.86
CA GLU I 52 -39.39 33.39 40.98
CA GLU I 53 -40.29 30.37 42.95
CA GLY I 54 -43.10 32.69 43.79
CA ILE I 55 -45.64 30.70 41.85
CA THR I 56 -44.36 31.48 38.42
CA LEU I 57 -44.46 27.77 37.74
CA LEU I 58 -42.11 24.91 37.28
CA PRO I 59 -44.11 23.89 34.29
CA ASP I 60 -42.44 26.94 32.93
CA VAL I 61 -43.24 30.45 32.21
CA TYR I 62 -45.19 31.62 29.26
CA SER I 63 -45.73 35.21 30.31
CA ASN I 64 -47.16 36.35 27.05
CA LEU I 65 -46.23 34.58 23.87
CA ILE I 66 -43.41 37.00 24.46
CA VAL I 67 -43.05 40.75 24.73
CA TYR I 68 -39.34 40.39 25.17
CA SER I 69 -39.84 43.56 27.09
CA ASP I 70 -37.90 45.46 29.65
CA ASP I 71 -39.99 43.90 32.45
CA TYR I 72 -38.85 40.45 31.74
CA LEU I 73 -38.13 40.04 35.42
CA SER I 74 -36.37 41.79 38.20
CA LEU I 75 -37.03 40.15 41.54
CA MET I 76 -34.41 37.54 42.03
CA SER I 77 -32.74 35.71 44.81
CA THR I 78 -30.37 38.53 45.21
CA SER I 79 -30.85 41.85 43.64
CA GLY I 80 -30.34 45.37 44.87
CA GLN I 81 -29.64 46.07 41.27
CA SER I 82 -32.21 44.73 38.88
CA ILE I 83 -31.71 45.92 35.44
CA TYR I 84 -33.72 44.89 32.55
CA VAL I 85 -33.18 43.50 29.13
CA ASN I 86 -32.12 45.92 26.38
CA ARG I 87 -33.18 43.21 23.87
CA GLY I 88 -29.86 43.97 22.12
CA GLY I 89 -28.20 42.94 25.35
CA TYR I 90 -30.91 41.68 27.46
CA VAL I 91 -30.52 41.22 31.04
CA TYR I 92 -30.50 43.06 34.33
CA ASP I 93 -27.06 43.81 35.46
CA ARG I 94 -26.25 42.47 38.85
CA THR I 95 -22.71 41.69 37.94
CA SER I 96 -21.01 45.03 38.06
CA GLN I 97 -19.35 45.86 34.82
CA SER I 98 -18.93 43.53 31.88
CA ASP I 99 -22.16 44.96 30.69
CA ARG I 100 -24.61 42.99 28.82
CA PHE I 101 -23.50 40.06 26.81
CA ASP I 102 -21.91 40.85 23.53
CA SER I 103 -18.60 39.24 22.54
CA GLY I 104 -16.53 40.42 25.51
CA ILE I 105 -18.75 39.78 28.46
CA THR I 106 -18.62 36.87 30.91
CA VAL I 107 -21.48 37.83 33.18
CA ASN I 108 -24.00 35.54 34.88
CA ILE I 109 -27.05 36.99 36.57
CA ILE I 110 -30.36 35.47 37.20
CA ARG I 111 -33.44 37.62 37.60
CA LEU I 112 -36.74 35.81 37.60
CA ARG I 113 -40.03 36.30 35.71
CA ASP I 114 -39.24 33.77 33.28
CA TYR I 115 -38.17 36.03 30.33
CA ASP I 116 -34.98 34.08 30.42
CA GLU I 117 -32.97 37.38 30.04
CA MET I 118 -30.01 35.67 28.51
CA PRO I 119 -27.03 36.80 26.62
CA GLU I 120 -27.58 37.25 22.95
CA CYS I 121 -24.54 35.00 22.57
CA PHE I 122 -26.22 32.46 24.90
CA ARG I 123 -29.38 31.90 22.93
CA TYR I 124 -28.34 29.50 20.13
CA TRP I 125 -26.56 27.01 22.31
CA ILE I 126 -29.30 26.68 24.84
CA VAL I 127 -31.91 26.35 22.22
CA THR I 128 -30.26 23.62 20.43
CA LYS I 129 -29.49 21.81 23.67
CA ALA I 130 -33.12 22.05 24.52
CA SER I 131 -33.95 20.61 21.14
CA ARG I 132 -31.50 17.75 21.57
CA GLN I 133 -32.90 17.00 25.01
CA PHE I 134 -36.45 16.95 23.67
CA ASN I 135 -35.66 14.69 20.80
CA ASN I 136 -36.04 11.81 23.11
CA ARG I 137 -39.43 13.17 24.21
CA PHE I 138 -40.29 13.57 20.53
CA PHE I 139 -38.76 10.13 20.05
CA GLY I 140 -36.75 11.79 17.38
CA ALA I 141 -33.03 11.63 17.01
CA PRO I 142 -31.46 15.00 16.68
CA GLU I 143 -29.55 15.67 13.56
CA VAL I 144 -25.80 15.56 13.70
CA GLU I 145 -25.61 19.22 12.87
CA GLY I 146 -27.95 19.92 15.73
CA VAL I 147 -25.90 17.97 18.15
CA LEU I 148 -22.74 19.44 16.64
CA GLN I 149 -24.19 22.94 16.85
CA GLU I 150 -25.02 22.84 20.53
CA GLU I 151 -25.10 20.69 23.59
CA GLU I 152 -21.75 19.16 24.20
CA ASP I 153 -20.47 20.58 21.01
CA GLU I 154 -19.77 24.18 20.20
CA ALA I 155 -22.62 25.13 22.44
CA ARG I 156 -21.19 24.23 25.72
CA ARG I 157 -17.81 25.34 24.57
CA LEU I 158 -17.55 28.98 23.87
CA CYS I 159 -21.19 29.35 24.53
CA MET I 160 -20.66 31.49 21.46
CA GLU I 161 -17.59 32.77 23.26
CA TYR I 162 -19.86 34.01 26.02
CA GLU I 163 -20.20 32.60 29.57
CA MET I 164 -18.34 29.35 29.52
CA ASP I 165 -14.71 29.59 28.33
CA TYR I 166 -14.04 33.11 29.44
CA GLY I 167 -15.41 32.38 32.85
CA GLY I 168 -13.04 29.44 33.11
CA TYR I 169 -10.25 31.71 31.89
CA ASN I 170 -10.91 34.13 34.70
CA MET I 171 -11.10 31.20 37.06
CA LEU I 172 -7.80 30.08 35.65
CA ASP I 173 -5.40 30.40 38.50
CA GLY I 174 -1.73 30.20 37.81
CA ASP I 175 -0.23 26.77 38.04
CA ALA I 176 3.41 27.62 38.22
CA PHE I 177 5.87 25.07 37.03
CA THR I 178 7.14 23.34 40.08
CA SER I 179 10.70 22.46 40.62
CA GLY I 180 12.02 19.61 38.58
CA LEU I 181 10.87 21.01 35.28
CA LEU I 182 13.38 21.10 32.51
CA THR I 183 14.28 24.72 32.11
CA ARG I 184 14.01 24.45 28.40
CA GLU J 1 -42.75 17.65 35.01
CA LEU J 2 -40.63 17.18 38.06
CA SER J 3 -37.49 19.23 37.75
CA ALA J 4 -34.39 18.58 39.82
CA VAL J 5 -33.35 14.93 39.90
CA ASN J 6 -32.89 14.98 43.67
CA ASP J 7 -34.40 11.79 44.99
CA ILE J 8 -33.56 8.15 44.54
CA LEU J 9 -36.89 7.85 42.76
CA ALA J 10 -35.90 10.68 40.40
CA SER J 11 -32.57 9.04 39.81
CA ILE J 12 -34.18 5.75 38.99
CA GLY J 13 -36.62 7.41 36.64
CA GLU J 14 -33.84 9.11 34.72
CA PRO J 15 -31.86 5.95 34.09
CA PRO J 16 -34.80 4.10 32.83
CA VAL J 17 -35.53 7.07 30.63
CA SER J 18 -31.94 6.96 29.43
CA THR J 19 -32.14 3.34 28.73
CA LEU J 20 -35.21 3.24 26.51
CA GLU J 21 -37.87 1.40 26.39
CA GLY J 22 -38.37 2.07 30.16
CA ASP J 23 -41.13 3.99 31.95
CA ALA J 24 -42.20 1.07 34.10
CA ASN J 25 -42.65 1.99 37.70
CA ALA J 26 -43.79 -0.33 40.45
CA ASP J 27 -41.79 -2.02 43.17
CA ALA J 28 -39.50 -2.29 40.24
CA ALA J 29 -38.73 1.11 41.62
CA ASN J 30 -37.76 -0.58 44.88
CA ALA J 31 -35.61 -3.08 43.07
CA ARG J 32 -33.94 -0.34 41.15
CA ARG J 33 -33.39 1.82 44.11
CA ILE J 34 -31.98 -1.06 46.10
CA LEU J 35 -29.50 -1.73 43.32
CA ASN J 36 -28.59 1.93 43.10
CA LYS J 37 -27.93 1.91 46.84
CA ILE J 38 -25.74 -1.15 46.56
CA ASN J 39 -23.80 0.34 43.68
CA ARG J 40 -23.25 3.56 45.57
CA GLN J 41 -22.12 1.63 48.60
CA ILE J 42 -19.67 -0.35 46.58
CA GLN J 43 -18.41 2.84 45.05
CA SER J 44 -16.13 4.95 47.22
CA ARG J 45 -16.54 8.46 48.64
CA GLY J 46 -19.60 9.56 46.76
CA TRP J 47 -21.65 11.90 48.97
CA THR J 48 -24.66 9.59 48.71
CA PHE J 49 -27.30 9.56 51.42
CA ASN J 50 -28.02 5.94 52.62
CA ILE J 51 -31.06 4.49 54.27
CA GLU J 52 -30.89 5.09 58.03
CA GLU J 53 -30.84 1.43 58.63
CA GLY J 54 -33.59 2.54 60.91
CA ILE J 55 -36.28 0.93 58.82
CA THR J 56 -36.08 3.24 55.87
CA LEU J 57 -35.88 0.16 53.70
CA LEU J 58 -33.40 -1.68 51.63
CA PRO J 59 -35.99 -1.89 48.94
CA ASP J 60 -35.14 1.73 48.72
CA VAL J 61 -36.54 4.97 49.74
CA TYR J 62 -39.35 6.71 48.02
CA SER J 63 -40.03 9.39 50.57
CA ASN J 64 -42.42 11.34 48.46
CA LEU J 65 -42.16 11.19 44.72
CA ILE J 66 -39.61 13.77 45.74
CA VAL J 67 -39.69 17.10 47.52
CA TYR J 68 -35.97 17.45 47.04
CA SER J 69 -36.34 19.44 50.19
CA ASP J 70 -34.04 20.58 52.91
CA ASP J 71 -35.09 17.64 55.10
CA TYR J 72 -33.76 15.08 52.79
CA LEU J 73 -32.03 13.47 55.71
CA SER J 74 -29.83 14.35 58.59
CA LEU J 75 -29.36 11.47 60.97
CA MET J 76 -26.39 9.54 59.77
CA SER J 77 -23.81 7.21 61.12
CA THR J 78 -21.80 10.12 62.23
CA SER J 79 -23.10 13.58 62.36
CA GLY J 80 -22.73 16.36 64.87
CA GLN J 81 -23.13 18.54 61.86
CA SER J 82 -26.05 17.68 59.66
CA ILE J 83 -26.65 20.18 57.04
CA TYR J 84 -29.20 19.92 54.43
CA VAL J 85 -29.43 20.12 50.70
CA ASN J 86 -29.46 23.58 49.11
CA ARG J 87 -30.80 21.88 45.94
CA GLY J 88 -28.20 23.99 44.08
CA GLY J 89 -25.61 22.21 46.18
CA TYR J 90 -27.48 19.64 48.03
CA VAL J 91 -26.09 17.94 50.90
CA TYR J 92 -25.42 18.32 54.60
CA ASP J 93 -21.93 19.35 55.26
CA ARG J 94 -20.07 17.03 57.53
CA THR J 95 -16.84 17.48 55.71
CA SER J 96 -15.61 20.82 56.93
CA GLN J 97 -15.00 23.18 54.12
CA SER J 98 -15.08 22.32 50.43
CA ASP J 99 -18.67 23.33 50.61
CA ARG J 100 -21.26 21.73 48.59
CA PHE J 101 -20.37 20.13 45.34
CA ASP J 102 -19.83 22.47 42.48
CA SER J 103 -16.73 22.16 40.29
CA GLY J 104 -14.11 22.55 43.02
CA ILE J 105 -15.36 20.34 45.78
CA THR J 106 -14.20 16.80 46.65
CA VAL J 107 -16.45 16.15 49.62
CA ASN J 108 -18.11 12.87 50.62
CA ILE J 109 -20.75 12.82 53.31
CA ILE J 110 -23.54 10.47 53.86
CA ARG J 111 -26.66 11.52 55.71
CA LEU J 112 -29.57 9.16 55.57
CA ARG J 113 -33.29 9.58 54.74
CA ASP J 114 -32.85 8.43 51.34
CA TYR J 115 -32.92 11.83 49.51
CA ASP J 116 -29.61 10.79 48.15
CA GLU J 117 -28.20 14.33 48.85
CA MET J 118 -25.57 14.08 46.19
CA PRO J 119 -23.37 16.49 44.45
CA GLU J 120 -24.93 18.17 41.50
CA CYS J 121 -21.85 17.01 39.63
CA PHE J 122 -22.51 13.45 40.91
CA ARG J 123 -25.98 12.99 39.53
CA TYR J 124 -25.43 12.16 35.83
CA TRP J 125 -22.83 9.50 36.34
CA ILE J 126 -24.73 7.61 38.96
CA VAL J 127 -27.88 7.73 37.01
CA THR J 128 -26.43 6.36 33.93
CA LYS J 129 -24.60 3.66 35.87
CA ALA J 130 -27.87 2.72 37.42
CA SER J 131 -29.38 2.56 33.97
CA ARG J 132 -26.56 0.38 32.66
CA GLN J 133 -26.89 -1.93 35.65
CA PHE J 134 -30.62 -2.27 35.12
CA ASN J 135 -30.35 -3.01 31.46
CA ASN J 136 -29.73 -6.56 32.34
CA ARG J 137 -32.85 -6.53 34.54
CA PHE J 138 -34.70 -4.95 31.64
CA PHE J 139 -32.93 -7.50 29.44
CA GLY J 140 -31.94 -4.52 27.41
CA ALA J 141 -28.46 -3.68 26.30
CA PRO J 142 -27.48 -0.19 27.15
CA GLU J 143 -26.58 2.05 24.33
CA VAL J 144 -22.95 2.75 23.69
CA GLU J 145 -23.46 6.40 24.49
CA GLY J 146 -25.02 5.39 27.76
CA VAL J 147 -22.16 3.17 28.67
CA LEU J 148 -19.74 5.79 27.37
CA GLN J 149 -21.51 8.51 29.33
CA GLU J 150 -21.31 6.82 32.69
CA GLU J 151 -20.29 3.69 34.50
CA GLU J 152 -16.72 2.86 33.73
CA ASP J 153 -16.55 5.65 31.27
CA GLU J 154 -16.55 9.33 31.99
CA ALA J 155 -18.79 8.66 34.90
CA ARG J 156 -16.43 6.93 37.14
CA ARG J 157 -13.65 9.12 35.96
CA LEU J 158 -14.06 12.72 36.85
CA CYS J 159 -17.41 11.97 38.30
CA MET J 160 -18.00 15.18 36.39
CA GLU J 161 -14.74 16.33 37.95
CA TYR J 162 -16.33 15.86 41.34
CA GLU J 163 -15.52 13.15 43.94
CA MET J 164 -13.35 10.70 42.15
CA ASP J 165 -10.23 12.20 40.51
CA TYR J 166 -9.74 15.07 42.88
CA GLY J 167 -10.04 12.78 45.84
CA GLY J 168 -7.34 10.60 44.35
CA TYR J 169 -5.29 13.73 43.72
CA ASN J 170 -5.47 14.66 47.36
CA MET J 171 -4.65 11.09 48.22
CA LEU J 172 -1.73 11.39 45.87
CA ASP J 173 1.28 11.11 48.07
CA GLY J 174 4.63 12.05 46.66
CA ASP J 175 6.56 9.22 45.12
CA ALA J 176 9.98 10.74 44.95
CA PHE J 177 12.33 9.49 42.34
CA THR J 178 14.58 7.05 44.04
CA SER J 179 18.24 6.87 43.47
CA GLY J 180 19.32 5.40 40.19
CA LEU J 181 17.16 7.67 38.09
CA LEU J 182 18.80 9.39 35.20
CA THR J 183 19.09 12.98 36.24
CA ARG J 184 17.87 14.11 32.89
CA GLU K 1 -33.69 -7.45 46.63
CA LEU K 2 -30.79 -8.55 48.71
CA SER K 3 -28.14 -5.89 48.73
CA ALA K 4 -24.54 -6.56 49.69
CA VAL K 5 -23.06 -9.62 47.99
CA ASN K 6 -21.61 -10.92 51.26
CA ASP K 7 -22.30 -14.64 51.34
CA ILE K 8 -21.15 -17.51 49.23
CA LEU K 9 -24.76 -17.86 48.15
CA ALA K 10 -24.81 -14.20 47.08
CA SER K 11 -21.58 -14.68 45.23
CA ILE K 12 -22.92 -17.67 43.40
CA GLY K 13 -26.10 -15.83 42.51
CA GLU K 14 -24.16 -12.95 41.01
CA PRO K 15 -22.05 -15.07 38.72
CA PRO K 16 -24.95 -16.91 37.37
CA VAL K 17 -26.62 -13.58 36.85
CA SER K 18 -23.50 -12.39 35.05
CA THR K 19 -23.41 -15.40 32.92
CA LEU K 20 -26.93 -15.35 31.51
CA GLU K 21 -29.26 -17.55 31.12
CA GLY K 22 -28.82 -18.50 34.82
CA ASP K 23 -31.22 -18.11 37.75
CA ALA K 24 -31.28 -21.80 38.60
CA ASN K 25 -30.88 -22.47 42.28
CA ALA K 26 -30.93 -25.86 43.91
CA ASP K 27 -28.07 -27.97 45.21
CA ALA K 28 -26.63 -26.55 42.07
CA ALA K 29 -25.97 -23.87 44.61
CA ASN K 30 -23.95 -26.42 46.57
CA ALA K 31 -22.07 -27.48 43.49
CA ARG K 32 -21.34 -23.90 42.66
CA ARG K 33 -20.29 -22.98 46.09
CA ILE K 34 -18.04 -26.00 46.34
CA LEU K 35 -16.34 -24.96 43.12
CA ASN K 36 -15.99 -21.40 44.33
CA LYS K 37 -14.35 -22.71 47.49
CA ILE K 38 -11.95 -24.83 45.52
CA ASN K 39 -11.06 -21.95 43.25
CA ARG K 40 -10.44 -19.66 46.19
CA GLN K 41 -8.30 -22.30 47.83
CA ILE K 42 -6.25 -22.74 44.71
CA GLN K 43 -5.87 -19.02 44.50
CA SER K 44 -3.38 -17.44 46.89
CA ARG K 45 -3.83 -14.95 49.72
CA GLY K 46 -7.39 -13.94 49.13
CA TRP K 47 -9.06 -13.17 52.47
CA THR K 48 -11.71 -15.81 51.82
CA PHE K 49 -13.50 -17.49 54.70
CA ASN K 50 -13.41 -21.34 54.35
CA ILE K 51 -15.69 -23.97 55.76
CA GLU K 52 -14.59 -24.85 59.30
CA GLU K 53 -13.91 -28.34 58.25
CA GLY K 54 -16.07 -28.85 61.27
CA ILE K 55 -18.99 -30.10 59.25
CA THR K 56 -19.89 -26.86 57.60
CA LEU K 57 -19.89 -28.72 54.32
CA LEU K 58 -17.84 -29.00 51.22
CA PRO K 59 -21.00 -28.75 49.25
CA ASP K 60 -20.71 -25.23 50.46
CA VAL K 61 -22.20 -23.04 53.01
CA TYR K 62 -25.56 -21.47 52.77
CA SER K 63 -25.87 -20.21 56.31
CA ASN K 64 -28.96 -18.20 55.74
CA LEU K 65 -29.70 -16.83 52.33
CA ILE K 66 -27.32 -14.34 53.84
CA VAL K 67 -27.34 -12.07 56.85
CA TYR K 68 -23.97 -10.71 55.88
CA SER K 69 -23.72 -10.25 59.58
CA ASP K 70 -20.95 -9.74 62.03
CA ASP K 71 -20.99 -13.46 62.92
CA TYR K 72 -20.01 -14.53 59.51
CA LEU K 73 -17.37 -16.72 61.08
CA SER K 74 -14.61 -16.53 63.57
CA LEU K 75 -13.15 -19.93 64.34
CA MET K 76 -10.39 -20.52 61.89
CA SER K 77 -7.27 -22.54 61.60
CA THR K 78 -5.42 -19.90 63.44
CA SER K 79 -7.07 -17.16 65.29
CA GLY K 80 -6.41 -15.54 68.62
CA GLN K 81 -7.86 -12.52 66.97
CA SER K 82 -11.14 -13.12 65.22
CA ILE K 83 -12.73 -10.00 64.10
CA TYR K 84 -15.84 -9.82 62.17
CA VAL K 85 -17.08 -8.25 59.00
CA ASN K 86 -17.97 -4.56 59.10
CA ARG K 87 -19.89 -5.15 55.82
CA GLY K 88 -18.17 -1.95 54.59
CA GLY K 89 -14.92 -3.77 55.18
CA TYR K 90 -15.87 -7.20 56.07
CA VAL K 91 -13.55 -9.52 57.61
CA TYR K 92 -11.98 -10.44 60.91
CA ASP K 93 -8.59 -8.98 61.26
CA ARG K 94 -5.91 -11.52 61.92
CA THR K 95 -3.37 -9.68 59.91
CA SER K 96 -2.30 -6.88 62.17
CA GLN K 97 -2.78 -3.55 60.59
CA SER K 98 -3.74 -2.91 56.98
CA ASP K 99 -7.24 -2.91 58.25
CA ARG K 100 -10.05 -4.13 56.27
CA PHE K 101 -9.87 -4.11 52.55
CA ASP K 102 -10.41 -0.80 50.93
CA SER K 103 -8.01 0.49 48.27
CA GLY K 104 -4.83 0.37 50.35
CA ILE K 105 -4.99 -2.96 52.07
CA THR K 106 -3.20 -6.18 51.11
CA VAL K 107 -4.46 -8.44 53.87
CA ASN K 108 -5.37 -12.12 53.67
CA ILE K 109 -7.16 -13.81 56.53
CA ILE K 110 -9.38 -16.75 56.53
CA ARG K 111 -11.99 -17.23 59.21
CA LEU K 112 -14.51 -19.96 58.62
CA ARG K 113 -18.34 -20.11 58.79
CA ASP K 114 -18.68 -19.74 55.21
CA TYR K 115 -19.67 -15.99 55.06
CA ASP K 116 -16.74 -15.66 52.78
CA GLU K 117 -15.66 -12.43 54.65
CA MET K 118 -13.83 -11.03 51.69
CA PRO K 119 -12.50 -7.71 50.78
CA GLU K 120 -15.01 -5.42 49.19
CA CYS K 121 -12.42 -5.04 46.45
CA PHE K 122 -12.25 -8.86 46.18
CA ARG K 123 -15.87 -9.54 45.43
CA TYR K 124 -16.23 -8.73 41.70
CA TRP K 125 -13.28 -10.71 40.51
CA ILE K 126 -14.14 -13.85 42.38
CA VAL K 127 -17.69 -13.70 41.30
CA THR K 128 -16.96 -13.41 37.73
CA LYS K 129 -14.34 -16.15 37.94
CA ALA K 130 -16.94 -18.33 39.52
CA SER K 131 -19.28 -17.50 36.69
CA ARG K 132 -16.66 -18.30 34.07
CA GLN K 133 -15.87 -21.59 35.77
CA PHE K 134 -19.53 -22.55 35.86
CA ASN K 135 -20.16 -21.72 32.27
CA ASN K 136 -18.88 -25.09 31.40
CA ARG K 137 -21.27 -26.63 33.95
CA PHE K 138 -24.02 -24.53 32.42
CA PHE K 139 -22.59 -25.55 29.05
CA GLY K 140 -22.57 -21.88 28.34
CA ALA K 141 -19.66 -19.91 27.06
CA PRO K 142 -18.94 -16.89 29.13
CA GLU K 143 -19.13 -13.59 27.42
CA VAL K 144 -15.92 -11.89 26.47
CA GLU K 145 -16.65 -9.07 28.84
CA GLY K 146 -17.14 -11.58 31.59
CA VAL K 147 -13.88 -13.25 30.89
CA LEU K 148 -12.25 -9.86 30.41
CA GLN K 149 -13.76 -8.59 33.64
CA GLU K 150 -12.45 -11.36 35.85
CA GLU K 151 -10.60 -14.62 35.91
CA GLU K 152 -7.29 -14.26 34.20
CA ASP K 153 -8.14 -10.78 33.19
CA GLU K 154 -8.42 -7.75 35.40
CA ALA K 155 -9.69 -9.98 38.12
CA ARG K 156 -6.62 -11.86 38.91
CA ARG K 157 -4.56 -8.81 38.27
CA LEU K 158 -5.17 -6.03 40.67
CA CYS K 159 -7.89 -8.02 42.26
CA MET K 160 -9.36 -4.55 42.07
CA GLU K 161 -5.99 -3.38 43.32
CA TYR K 162 -6.53 -5.47 46.42
CA GLU K 163 -4.72 -8.71 47.40
CA MET K 164 -2.81 -9.72 44.35
CA ASP K 165 -0.47 -7.04 42.95
CA TYR K 166 0.27 -5.27 46.18
CA GLY K 167 1.07 -8.52 47.87
CA GLY K 168 3.53 -9.28 45.10
CA TYR K 169 4.92 -5.77 45.49
CA ASN K 170 5.60 -6.39 49.15
CA MET K 171 7.07 -9.73 48.23
CA LEU K 172 9.19 -7.89 45.72
CA ASP K 173 12.69 -8.29 46.97
CA GLY K 174 15.39 -6.16 45.50
CA ASP K 175 17.18 -7.65 42.55
CA ALA K 176 20.21 -5.45 42.39
CA PHE K 177 21.91 -5.03 39.11
CA THR K 178 24.82 -7.35 39.14
CA SER K 179 28.19 -6.45 37.85
CA GLY K 180 28.53 -6.26 34.12
CA LEU K 181 25.62 -3.91 33.65
CA LEU K 182 26.19 -0.89 31.53
CA THR K 183 26.29 1.99 33.93
CA ARG K 184 24.08 4.01 31.69
CA GLU L 1 -18.72 -32.30 44.39
CA LEU L 2 -15.25 -33.44 45.21
CA SER L 3 -13.05 -30.46 45.85
CA ALA L 4 -9.27 -30.61 45.73
CA VAL L 5 -7.92 -32.35 42.64
CA ASN L 6 -5.50 -34.45 44.69
CA ASP L 7 -5.66 -37.96 43.30
CA ILE L 8 -4.76 -39.46 39.98
CA LEU L 9 -8.46 -40.16 39.57
CA ALA L 10 -9.25 -36.49 40.21
CA SER L 11 -6.61 -35.47 37.76
CA ILE L 12 -7.99 -37.75 35.11
CA GLY L 13 -11.50 -36.48 35.71
CA GLU L 14 -10.43 -32.89 35.27
CA PRO L 15 -8.75 -33.41 31.92
CA PRO L 16 -11.64 -35.21 30.49
CA VAL L 17 -13.81 -32.40 31.78
CA SER L 18 -11.46 -29.94 30.11
CA THR L 19 -11.57 -31.79 26.91
CA LEU L 20 -15.31 -31.99 26.36
CA GLU L 21 -17.36 -34.35 25.51
CA GLY L 22 -15.82 -36.54 28.30
CA ASP L 23 -17.38 -37.86 31.51
CA ALA L 24 -16.74 -41.49 30.70
CA ASN L 25 -15.28 -43.41 33.57
CA ALA L 26 -14.46 -47.09 33.57
CA ASP L 27 -11.12 -48.83 33.27
CA ALA L 28 -10.76 -46.03 30.83
CA ALA L 29 -9.79 -44.45 34.09
CA ASN L 30 -7.02 -47.03 34.35
CA ALA L 31 -5.90 -46.35 30.82
CA ARG L 32 -5.88 -42.68 31.48
CA ARG L 33 -4.09 -42.93 34.70
CA ILE L 34 -1.48 -45.22 33.20
CA LEU L 35 -0.85 -42.66 30.49
CA ASN L 36 -0.65 -39.86 33.00
CA LYS L 37 1.93 -41.87 34.92
CA ILE L 38 3.96 -42.47 31.81
CA ASN L 39 3.84 -38.81 30.87
CA ARG L 40 4.93 -37.76 34.34
CA GLN L 41 7.74 -40.27 34.24
CA ILE L 42 8.93 -38.99 30.92
CA GLN L 43 8.76 -35.49 32.25
CA SER L 44 11.58 -34.44 34.56
CA ARG L 45 11.58 -33.40 38.21
CA GLY L 46 7.89 -33.08 38.81
CA TRP L 47 7.10 -34.05 42.41
CA THR L 48 4.73 -36.78 41.21
CA PHE L 49 4.01 -39.79 43.37
CA ASN L 50 4.49 -43.09 41.38
CA ILE L 51 3.03 -46.50 41.94
CA GLU L 52 5.13 -48.39 44.48
CA GLU L 53 5.95 -50.96 41.93
CA GLY L 54 4.77 -53.07 44.77
CA ILE L 55 1.59 -54.08 43.01
CA THR L 56 -0.12 -50.75 43.12
CA LEU L 57 -0.76 -51.15 39.43
CA LEU L 58 0.41 -49.74 36.18
CA PRO L 59 -3.18 -49.47 35.15
CA ASP L 60 -3.03 -46.72 37.67
CA VAL L 61 -4.03 -46.10 41.14
CA TYR L 62 -7.51 -45.35 42.25
CA SER L 63 -7.02 -45.67 45.98
CA ASN L 64 -10.39 -44.35 46.92
CA LEU L 65 -12.19 -41.98 44.64
CA ILE L 66 -9.83 -39.79 46.59
CA VAL L 67 -9.33 -38.92 50.23
CA TYR L 68 -6.54 -36.58 49.31
CA SER L 69 -5.37 -37.53 52.73
CA ASP L 70 -2.14 -37.39 54.59
CA ASP L 71 -1.46 -41.05 53.77
CA TYR L 72 -1.30 -40.49 50.12
CA LEU L 73 1.93 -42.45 50.06
CA SER L 74 5.21 -42.61 51.82
CA LEU L 75 7.24 -45.61 50.76
CA MET L 76 9.29 -44.57 47.82
CA SER L 77 12.45 -45.55 46.10
CA THR L 78 14.37 -43.48 48.51
CA SER L 79 12.94 -42.11 51.64
CA GLY L 80 14.26 -41.80 55.15
CA GLN L 81 12.05 -38.80 55.26
CA SER L 82 8.53 -39.40 54.08
CA ILE L 83 6.31 -36.55 54.73
CA TYR L 84 2.80 -36.34 53.70
CA VAL L 85 0.56 -34.01 51.82
CA ASN L 86 -0.74 -30.94 53.65
CA ARG L 87 -3.37 -30.65 50.86
CA GLY L 88 -2.46 -26.93 50.82
CA GLY L 89 1.03 -28.03 49.95
CA TYR L 90 0.79 -31.66 49.44
CA VAL L 91 3.72 -33.80 49.37
CA TYR L 92 6.23 -35.54 51.58
CA ASP L 93 9.37 -33.61 51.88
CA ARG L 94 12.42 -35.51 50.86
CA THR L 95 14.07 -32.51 49.38
CA SER L 96 15.35 -30.64 52.38
CA GLN L 97 14.04 -27.15 52.50
CA SER L 98 12.08 -25.41 49.77
CA ASP L 99 9.07 -26.69 51.57
CA ARG L 100 6.01 -27.67 49.83
CA PHE L 101 5.19 -26.17 46.52
CA ASP L 102 3.81 -22.71 46.61
CA SER L 103 5.23 -19.99 44.35
CA GLY L 104 8.84 -20.17 45.53
CA ILE L 105 9.57 -23.84 45.66
CA THR L 106 11.44 -25.96 43.09
CA VAL L 107 11.26 -29.32 44.81
CA ASN L 108 10.81 -32.74 43.20
CA ILE L 109 10.08 -35.76 45.35
CA ILE L 110 8.34 -38.90 44.51
CA ARG L 111 6.62 -40.96 47.17
CA LEU L 112 4.41 -43.75 45.97
CA ARG L 113 0.82 -44.81 46.76
CA ASP L 114 -0.52 -43.18 43.84
CA TYR L 115 -1.98 -40.01 45.51
CA ASP L 116 0.16 -38.15 43.07
CA GLU L 117 1.28 -35.74 45.91
CA MET L 118 2.06 -32.94 43.54
CA PRO L 119 2.65 -29.30 43.91
CA GLU L 120 -0.45 -27.22 43.97
CA CYS L 121 1.24 -25.23 41.21
CA PHE L 122 1.82 -28.51 39.31
CA ARG L 123 -1.76 -29.64 39.05
CA TYR L 124 -3.21 -27.57 36.17
CA TRP L 125 -0.45 -28.21 33.71
CA ILE L 126 -0.37 -31.94 34.17
CA VAL L 127 -4.07 -32.20 33.96
CA THR L 128 -4.36 -30.40 30.79
CA LYS L 129 -1.46 -32.33 29.29
CA ALA L 130 -3.23 -35.48 30.25
CA SER L 131 -6.33 -34.18 28.56
CA ARG L 132 -4.44 -33.28 25.40
CA GLN L 133 -2.81 -36.70 25.34
CA PHE L 134 -6.16 -38.43 25.72
CA ASN L 135 -7.83 -36.45 23.02
CA ASN L 136 -6.40 -38.85 20.56
CA ARG L 137 -7.81 -41.75 22.60
CA PHE L 138 -11.12 -39.89 22.67
CA PHE L 139 -10.52 -39.18 18.99
CA GLY L 140 -11.16 -35.63 19.93
CA ALA L 141 -8.97 -32.71 19.10
CA PRO L 142 -8.12 -30.65 22.08
CA GLU L 143 -9.17 -27.08 22.02
CA VAL L 144 -6.59 -24.46 21.30
CA GLU L 145 -7.01 -23.01 24.74
CA GLY L 146 -6.42 -26.44 26.19
CA VAL L 147 -3.28 -26.92 24.23
CA LEU L 148 -2.28 -23.33 24.95
CA GLN L 149 -3.02 -23.79 28.64
CA GLU L 150 -0.83 -26.81 29.15
CA GLU L 151 1.37 -29.32 27.45
CA GLU L 152 4.02 -27.59 25.47
CA ASP L 153 2.50 -24.28 26.23
CA GLU L 154 2.44 -22.49 29.53
CA ALA L 155 2.24 -25.82 31.22
CA ARG L 156 5.63 -27.11 30.52
CA ARG L 157 7.03 -23.66 30.88
CA LEU L 158 6.73 -22.25 34.31
CA CYS L 159 4.82 -25.25 35.37
CA MET L 160 2.91 -22.42 36.98
CA GLU L 161 6.33 -21.09 37.94
CA TYR L 162 6.90 -24.28 39.89
CA GLU L 163 9.31 -27.13 39.01
CA MET L 164 10.45 -26.42 35.52
CA ASP L 165 11.97 -22.96 34.99
CA TYR L 166 13.31 -22.45 38.46
CA GLY L 167 14.94 -25.82 38.41
CA GLY L 168 16.65 -24.88 35.17
CA TYR L 169 17.63 -21.57 36.75
CA ASN L 170 19.34 -23.38 39.59
CA MET L 171 20.92 -25.67 37.06
CA LEU L 172 22.04 -22.58 35.23
CA ASP L 173 25.77 -22.63 35.50
CA GLY L 174 27.68 -19.54 34.59
CA ASP L 175 28.79 -19.32 31.01
CA ALA L 176 31.35 -16.60 31.25
CA PHE L 177 32.05 -14.57 28.20
CA THR L 178 35.14 -16.00 26.67
CA SER L 179 37.90 -13.94 25.28
CA GLY L 180 37.19 -12.24 22.01
CA LEU L 181 33.98 -10.64 23.15
CA LEU L 182 33.58 -6.98 22.47
CA THR L 183 33.94 -5.31 25.80
CA ARG L 184 30.98 -3.15 25.12
#